data_7CTT
#
_entry.id   7CTT
#
_cell.length_a   1.00
_cell.length_b   1.00
_cell.length_c   1.00
_cell.angle_alpha   90.00
_cell.angle_beta   90.00
_cell.angle_gamma   90.00
#
_symmetry.space_group_name_H-M   'P 1'
#
loop_
_entity.id
_entity.type
_entity.pdbx_description
1 polymer 'RNA-directed RNA polymerase'
2 polymer 'Non-structural protein 8'
3 polymer 'Non-structural protein 7'
4 polymer "Primer-RNA (5'-R(P*UP*UP*CP*UP*CP*CP*UP*AP*AP*GP*AP*AP*GP*CP*UP*A)-3')"
5 polymer "Template-RNA (5'-R(P*AP*CP*UP*AP*GP*CP*UP*UP*CP*UP*UP*AP*GP*GP*AP*GP*AP*A)-3')"
6 non-polymer 'ZINC ION'
7 non-polymer 'MAGNESIUM ION'
8 non-polymer '[[(2~{R},3~{S},4~{R},5~{R})-5-(3-aminocarbonyl-5-fluoranyl-2-oxidanylidene-pyrazin-1-yl)-3,4-bis(oxidanyl)oxolan-2-yl]methoxy-oxidanyl-phosphoryl] phosphono hydrogen phosphate'
#
loop_
_entity_poly.entity_id
_entity_poly.type
_entity_poly.pdbx_seq_one_letter_code
_entity_poly.pdbx_strand_id
1 'polypeptide(L)'
;SADAQSFLNRVCGVSAARLTPCGTGTSTDVVYRAFDIYNDKVAGFAKFLKTNCCRFQEKDEDDNLIDSYFVVKRHTFSNY
QHEETIYNLLKDCPAVAKHDFFKFRIDGDMVPHISRQRLTKYTMADLVYALRHFDEGNCDTLKEILVTYNCCDDDYFNKK
DWYDFVENPDILRVYANLGERVRQALLKTVQFCDAMRNAGIVGVLTLDNQDLNGNWYDFGDFIQTTPGSGVPVVDSYYSL
LMPILTLTRALTAESHVDTDLTKPYIKWDLLKYDFTEERLKLFDRYFKYWDQTYHPNCVNCLDDRCILHCANFNVLFSTV
FPPTSFGPLVRKIFVDGVPFVVSTGYHFRELGVVHNQDVNLHSSRLSFKELLVYAADPAMHAASGNLLLDKRTTCFSVAA
LTNNVAFQTVKPGNFNKDFYDFAVSKGFFKEGSSVELKHFFFAQDGNAAISDYDYYRYNLPTMCDIRQLLFVVEVVDKYF
DCYDGGCINANQVIVNNLDKSAGFPFNKWGKARLYYDSMSYEDQDALFAYTKRNVIPTITQMNLKYAISAKNRARTVAGV
SICSTMTNRQFHQKLLKSIAATRGATVVIGTSKFYGGWHNMLKTVYSDVENPHLMGWDYPKCDRAMPNMLRIMASLVLAR
KHTTCCSLSHRFYRLANECAQVLSEMVMCGGSLYVKPGGTSSGDATTAYANSVFNICQAVTANVNALLSTDGNKIADKYV
RNLQHRLYECLYRNRDVDTDFVNEFYAYLRKHFSMMILSDDAVVCFNSTYASQGLVASIKNFKSVLYYQNNVFMSEAKCW
TETDLTKGPHEFCSQHTMLVKQGDDYVYLPYPDPSRILGAGCFVDDIVKTDGTLMIERFVSLAIDAYPLTKHPNQEYADV
FHLYLQYIRKLHDELTGHMLDMYSVMLTNDNTSRYWEPEFYEAMYTPHTVLQ
;
A
2 'polypeptide(L)'
;AIASEFSSLPSYAAFATAQEAYEQAVANGDSEVVLKKLKKSLNVAKSEFDRDAAMQRKLEKMADQAMTQMYKQARSEDKR
AKVTSAMQTMLFTMLRKLDNDALNNIINNARDGCVPLNIIPLTTAAKLMVVIPDYNTYKNTCDGTTFTYASALWEIQQVV
DADSKIVQLSEISMDNSPNLAWPLIVTALRANSAVKLQ
;
B,D
3 'polypeptide(L)'
;SKMSDVKCTSVVLLSVLQQLRVESSSKLWAQCVQLHNDILLAKDTTEAFEKMVSLLSVLLSMQGAVDINKLCEEMLDNRA
TLQ
;
C
4 'polyribonucleotide' GUCAUUCUCCUAAGAAGCUA Q
5 'polyribonucleotide' CUAUCCCCAUGUGAUUUUACUAGCUUCUUAGGAGAAUGAC T
#
# COMPACT_ATOMS: atom_id res chain seq x y z
N VAL A 31 -13.81 -1.78 37.89
CA VAL A 31 -12.98 -1.89 36.70
C VAL A 31 -13.84 -1.64 35.46
N TYR A 32 -13.27 -0.91 34.50
CA TYR A 32 -14.01 -0.58 33.28
C TYR A 32 -14.13 -1.81 32.39
N ARG A 33 -15.32 -1.98 31.82
CA ARG A 33 -15.61 -3.09 30.90
C ARG A 33 -16.18 -2.52 29.61
N ALA A 34 -15.79 -3.13 28.49
CA ALA A 34 -16.24 -2.66 27.19
C ALA A 34 -17.66 -3.16 26.91
N PHE A 35 -18.61 -2.24 26.78
CA PHE A 35 -20.00 -2.56 26.51
C PHE A 35 -20.42 -1.90 25.20
N ASP A 36 -21.27 -2.61 24.45
CA ASP A 36 -21.90 -2.08 23.25
C ASP A 36 -23.31 -1.64 23.63
N ILE A 37 -23.40 -0.48 24.28
CA ILE A 37 -24.64 -0.01 24.87
C ILE A 37 -25.47 0.68 23.81
N TYR A 38 -26.80 0.51 23.88
CA TYR A 38 -27.71 1.24 23.01
C TYR A 38 -29.05 1.38 23.74
N ASN A 39 -29.29 2.57 24.29
CA ASN A 39 -30.57 2.85 24.95
C ASN A 39 -31.19 4.11 24.37
N ASP A 40 -32.24 4.61 25.00
CA ASP A 40 -32.87 5.86 24.59
C ASP A 40 -32.14 7.09 25.12
N LYS A 41 -31.01 6.91 25.80
CA LYS A 41 -30.27 8.03 26.37
C LYS A 41 -28.80 7.98 26.03
N VAL A 42 -28.27 6.79 25.78
CA VAL A 42 -26.84 6.59 25.51
C VAL A 42 -26.69 5.50 24.47
N ALA A 43 -25.76 5.69 23.54
CA ALA A 43 -25.47 4.70 22.52
C ALA A 43 -23.98 4.74 22.19
N GLY A 44 -23.41 3.57 21.89
CA GLY A 44 -22.01 3.49 21.53
C GLY A 44 -21.30 2.27 22.06
N PHE A 45 -20.13 1.99 21.48
CA PHE A 45 -19.28 0.87 21.90
C PHE A 45 -18.12 1.45 22.69
N ALA A 46 -18.21 1.42 24.00
CA ALA A 46 -17.22 2.11 24.82
C ALA A 46 -17.10 1.43 26.18
N LYS A 47 -16.14 1.90 26.97
CA LYS A 47 -15.94 1.35 28.30
C LYS A 47 -16.87 2.02 29.30
N PHE A 48 -17.40 1.22 30.22
CA PHE A 48 -18.27 1.72 31.28
C PHE A 48 -17.78 1.14 32.61
N LEU A 49 -17.99 1.91 33.67
CA LEU A 49 -17.57 1.54 35.02
C LEU A 49 -18.81 1.03 35.77
N LYS A 50 -18.98 -0.28 35.80
CA LYS A 50 -20.10 -0.88 36.51
C LYS A 50 -19.61 -1.66 37.73
N GLU A 84 -38.85 -12.38 34.85
CA GLU A 84 -38.15 -12.84 33.65
C GLU A 84 -37.75 -14.30 33.78
N THR A 85 -38.42 -15.17 33.02
CA THR A 85 -38.15 -16.59 33.01
C THR A 85 -37.79 -17.09 31.61
N ILE A 86 -37.13 -16.23 30.82
CA ILE A 86 -36.79 -16.60 29.45
C ILE A 86 -35.63 -17.59 29.39
N TYR A 87 -34.79 -17.64 30.43
CA TYR A 87 -33.62 -18.52 30.41
C TYR A 87 -34.02 -19.98 30.25
N ASN A 88 -35.22 -20.35 30.69
CA ASN A 88 -35.67 -21.73 30.59
C ASN A 88 -35.88 -22.15 29.14
N LEU A 89 -36.07 -21.22 28.22
CA LEU A 89 -36.32 -21.55 26.82
C LEU A 89 -35.05 -21.55 25.98
N LEU A 90 -33.87 -21.54 26.60
CA LEU A 90 -32.64 -21.53 25.85
C LEU A 90 -31.59 -22.50 26.40
N LYS A 91 -31.93 -23.29 27.42
CA LYS A 91 -30.97 -24.24 27.97
C LYS A 91 -30.67 -25.40 27.04
N ASP A 92 -31.44 -25.56 25.96
CA ASP A 92 -31.19 -26.65 25.03
C ASP A 92 -29.90 -26.41 24.26
N CYS A 93 -29.65 -25.18 23.84
CA CYS A 93 -28.45 -24.87 23.08
C CYS A 93 -27.22 -24.95 24.00
N PRO A 94 -26.13 -25.59 23.57
CA PRO A 94 -24.94 -25.68 24.41
C PRO A 94 -24.14 -24.38 24.48
N ALA A 95 -24.56 -23.33 23.77
CA ALA A 95 -23.85 -22.07 23.74
C ALA A 95 -24.30 -21.10 24.82
N VAL A 96 -24.90 -21.60 25.90
CA VAL A 96 -25.41 -20.76 26.97
C VAL A 96 -24.75 -21.19 28.28
N ALA A 97 -24.41 -20.20 29.11
CA ALA A 97 -23.86 -20.49 30.42
C ALA A 97 -24.97 -20.90 31.38
N LYS A 98 -24.60 -21.72 32.37
CA LYS A 98 -25.55 -22.20 33.36
C LYS A 98 -25.92 -21.05 34.30
N HIS A 99 -27.17 -20.60 34.24
CA HIS A 99 -27.64 -19.48 35.04
C HIS A 99 -28.20 -19.99 36.36
N ASP A 100 -27.70 -19.44 37.47
CA ASP A 100 -28.16 -19.84 38.79
C ASP A 100 -29.58 -19.35 39.05
N ARG A 118 -17.94 -20.60 35.78
CA ARG A 118 -19.15 -20.31 35.03
C ARG A 118 -18.87 -19.37 33.87
N LEU A 119 -18.01 -18.38 34.12
CA LEU A 119 -17.68 -17.34 33.15
C LEU A 119 -16.17 -17.14 33.14
N THR A 120 -15.72 -16.27 32.24
CA THR A 120 -14.35 -15.83 32.20
C THR A 120 -14.27 -14.34 32.56
N LYS A 121 -13.06 -13.89 32.84
CA LYS A 121 -12.87 -12.51 33.31
C LYS A 121 -13.21 -11.51 32.22
N TYR A 122 -12.71 -11.74 31.01
CA TYR A 122 -12.90 -10.81 29.90
C TYR A 122 -13.90 -11.40 28.91
N THR A 123 -14.87 -10.57 28.50
CA THR A 123 -15.83 -10.97 27.49
C THR A 123 -15.31 -10.60 26.11
N MET A 124 -16.03 -11.05 25.08
CA MET A 124 -15.57 -10.81 23.72
C MET A 124 -15.62 -9.34 23.35
N ALA A 125 -16.55 -8.59 23.93
CA ALA A 125 -16.57 -7.15 23.70
C ALA A 125 -15.29 -6.51 24.18
N ASP A 126 -14.74 -7.00 25.29
CA ASP A 126 -13.46 -6.48 25.76
C ASP A 126 -12.35 -6.73 24.75
N LEU A 127 -12.35 -7.92 24.14
CA LEU A 127 -11.34 -8.22 23.13
C LEU A 127 -11.50 -7.32 21.91
N VAL A 128 -12.73 -7.18 21.41
CA VAL A 128 -12.98 -6.35 20.23
C VAL A 128 -12.59 -4.91 20.51
N TYR A 129 -12.88 -4.41 21.71
CA TYR A 129 -12.54 -3.04 22.05
C TYR A 129 -11.03 -2.86 22.16
N ALA A 130 -10.36 -3.73 22.91
CA ALA A 130 -8.92 -3.62 23.08
C ALA A 130 -8.17 -3.81 21.78
N LEU A 131 -8.76 -4.51 20.81
CA LEU A 131 -8.13 -4.67 19.52
C LEU A 131 -8.56 -3.63 18.49
N ARG A 132 -9.60 -2.86 18.79
CA ARG A 132 -10.01 -1.76 17.92
C ARG A 132 -9.72 -0.38 18.52
N HIS A 133 -9.38 -0.30 19.80
CA HIS A 133 -9.01 0.96 20.44
C HIS A 133 -7.62 0.82 21.03
N PHE A 134 -6.70 0.25 20.26
CA PHE A 134 -5.39 -0.11 20.80
C PHE A 134 -4.52 1.12 21.00
N ASP A 135 -3.97 1.26 22.20
CA ASP A 135 -3.02 2.32 22.50
C ASP A 135 -2.07 1.84 23.58
N GLU A 136 -0.94 2.54 23.70
CA GLU A 136 0.06 2.17 24.68
C GLU A 136 -0.26 2.81 26.04
N GLY A 137 0.22 2.16 27.09
CA GLY A 137 -0.11 2.56 28.44
C GLY A 137 -1.51 2.19 28.88
N ASN A 138 -2.36 1.73 27.96
CA ASN A 138 -3.70 1.30 28.32
C ASN A 138 -4.07 0.00 27.60
N CYS A 139 -3.08 -0.70 27.04
CA CYS A 139 -3.31 -1.99 26.39
C CYS A 139 -3.24 -3.15 27.38
N ASP A 140 -3.43 -2.89 28.67
CA ASP A 140 -3.34 -3.94 29.66
C ASP A 140 -4.41 -5.02 29.44
N THR A 141 -5.58 -4.63 28.91
CA THR A 141 -6.62 -5.61 28.65
C THR A 141 -6.21 -6.60 27.57
N LEU A 142 -5.67 -6.09 26.47
CA LEU A 142 -5.21 -6.97 25.40
C LEU A 142 -4.08 -7.87 25.87
N LYS A 143 -3.19 -7.33 26.71
CA LYS A 143 -2.09 -8.15 27.23
C LYS A 143 -2.62 -9.26 28.14
N GLU A 144 -3.53 -8.92 29.04
CA GLU A 144 -4.09 -9.91 29.95
C GLU A 144 -4.97 -10.92 29.21
N ILE A 145 -5.47 -10.56 28.02
CA ILE A 145 -6.19 -11.53 27.21
C ILE A 145 -5.22 -12.44 26.48
N LEU A 146 -4.12 -11.89 25.98
CA LEU A 146 -3.17 -12.70 25.23
C LEU A 146 -2.42 -13.68 26.14
N VAL A 147 -2.10 -13.27 27.36
CA VAL A 147 -1.37 -14.14 28.28
C VAL A 147 -2.28 -15.11 29.03
N THR A 148 -3.59 -15.04 28.81
CA THR A 148 -4.52 -15.94 29.47
C THR A 148 -5.12 -16.97 28.54
N TYR A 149 -4.85 -16.88 27.23
CA TYR A 149 -5.41 -17.83 26.27
C TYR A 149 -4.31 -18.46 25.42
N ASN A 150 -3.10 -18.57 25.99
CA ASN A 150 -1.99 -19.29 25.36
C ASN A 150 -1.67 -18.72 23.97
N CYS A 151 -1.41 -17.42 23.94
CA CYS A 151 -0.99 -16.72 22.73
C CYS A 151 0.48 -16.34 22.75
N CYS A 152 0.93 -15.73 23.85
CA CYS A 152 2.33 -15.41 24.03
C CYS A 152 2.59 -15.21 25.52
N ASP A 153 3.75 -15.64 25.97
CA ASP A 153 4.06 -15.59 27.39
C ASP A 153 4.30 -14.15 27.86
N ASP A 154 4.40 -13.98 29.17
CA ASP A 154 4.52 -12.64 29.74
C ASP A 154 5.83 -11.98 29.36
N ASP A 155 6.87 -12.77 29.10
CA ASP A 155 8.15 -12.24 28.65
C ASP A 155 8.20 -11.99 27.15
N TYR A 156 7.04 -11.97 26.48
CA TYR A 156 6.95 -11.52 25.11
C TYR A 156 6.61 -10.04 25.02
N PHE A 157 6.06 -9.46 26.10
CA PHE A 157 5.66 -8.07 26.11
C PHE A 157 6.76 -7.13 26.60
N ASN A 158 7.82 -7.67 27.21
CA ASN A 158 8.95 -6.83 27.58
C ASN A 158 9.70 -6.32 26.35
N LYS A 159 9.58 -7.02 25.22
CA LYS A 159 10.21 -6.56 23.99
C LYS A 159 9.61 -5.22 23.55
N LYS A 160 10.47 -4.27 23.23
CA LYS A 160 10.00 -2.99 22.72
C LYS A 160 9.39 -3.17 21.35
N ASP A 161 8.29 -2.45 21.11
CA ASP A 161 7.57 -2.50 19.84
C ASP A 161 7.10 -3.93 19.52
N TRP A 162 6.41 -4.54 20.49
CA TRP A 162 5.82 -5.85 20.29
C TRP A 162 4.49 -5.78 19.57
N TYR A 163 3.93 -4.58 19.39
CA TYR A 163 2.60 -4.40 18.84
C TYR A 163 2.60 -3.98 17.39
N ASP A 164 3.68 -3.37 16.91
CA ASP A 164 3.76 -2.94 15.53
C ASP A 164 3.61 -4.13 14.58
N PHE A 165 3.13 -3.85 13.38
CA PHE A 165 3.01 -4.85 12.32
C PHE A 165 4.12 -4.75 11.28
N VAL A 166 4.52 -3.53 10.93
CA VAL A 166 5.64 -3.34 10.02
C VAL A 166 6.92 -3.87 10.64
N GLU A 167 7.27 -3.34 11.81
CA GLU A 167 8.29 -3.93 12.65
C GLU A 167 7.65 -5.01 13.51
N ASN A 168 8.38 -6.10 13.74
CA ASN A 168 7.87 -7.23 14.51
C ASN A 168 6.61 -7.82 13.89
N PRO A 169 6.72 -8.47 12.73
CA PRO A 169 5.53 -9.11 12.15
C PRO A 169 5.10 -10.37 12.88
N ASP A 170 5.93 -10.88 13.81
CA ASP A 170 5.57 -12.07 14.57
C ASP A 170 4.31 -11.86 15.38
N ILE A 171 3.97 -10.61 15.71
CA ILE A 171 2.73 -10.35 16.44
C ILE A 171 1.53 -10.90 15.68
N LEU A 172 1.61 -10.96 14.35
CA LEU A 172 0.54 -11.58 13.58
C LEU A 172 0.25 -12.98 14.09
N ARG A 173 1.29 -13.80 14.22
CA ARG A 173 1.10 -15.13 14.77
C ARG A 173 0.51 -15.05 16.17
N VAL A 174 1.01 -14.13 16.99
CA VAL A 174 0.49 -13.96 18.34
C VAL A 174 -0.98 -13.61 18.31
N TYR A 175 -1.42 -12.92 17.26
CA TYR A 175 -2.84 -12.64 17.12
C TYR A 175 -3.59 -13.85 16.58
N ALA A 176 -2.97 -14.59 15.66
CA ALA A 176 -3.63 -15.76 15.09
C ALA A 176 -3.88 -16.83 16.13
N ASN A 177 -3.15 -16.80 17.25
CA ASN A 177 -3.42 -17.73 18.33
C ASN A 177 -4.83 -17.57 18.88
N LEU A 178 -5.38 -16.36 18.80
CA LEU A 178 -6.77 -16.16 19.22
C LEU A 178 -7.76 -16.56 18.15
N GLY A 179 -7.30 -16.69 16.90
CA GLY A 179 -8.24 -16.87 15.79
C GLY A 179 -9.21 -18.00 16.01
N GLU A 180 -8.68 -19.21 16.24
CA GLU A 180 -9.56 -20.36 16.46
C GLU A 180 -10.53 -20.11 17.59
N ARG A 181 -10.04 -19.53 18.70
CA ARG A 181 -10.95 -19.20 19.79
C ARG A 181 -12.09 -18.34 19.28
N VAL A 182 -11.76 -17.26 18.57
CA VAL A 182 -12.79 -16.40 18.00
C VAL A 182 -13.74 -17.22 17.15
N ARG A 183 -13.21 -18.12 16.32
CA ARG A 183 -14.06 -18.89 15.44
C ARG A 183 -15.07 -19.69 16.23
N GLN A 184 -14.65 -20.29 17.34
CA GLN A 184 -15.58 -21.03 18.19
C GLN A 184 -16.74 -20.13 18.58
N ALA A 185 -16.43 -18.93 19.07
CA ALA A 185 -17.47 -17.98 19.42
C ALA A 185 -18.41 -17.76 18.25
N LEU A 186 -17.86 -17.56 17.05
CA LEU A 186 -18.70 -17.41 15.86
C LEU A 186 -19.68 -18.56 15.75
N LEU A 187 -19.16 -19.79 15.77
CA LEU A 187 -20.05 -20.95 15.66
C LEU A 187 -21.07 -20.94 16.78
N LYS A 188 -20.61 -20.67 18.01
CA LYS A 188 -21.55 -20.63 19.13
C LYS A 188 -22.63 -19.59 18.87
N THR A 189 -22.24 -18.43 18.34
CA THR A 189 -23.22 -17.41 18.00
C THR A 189 -24.28 -17.99 17.09
N VAL A 190 -23.87 -18.67 16.02
CA VAL A 190 -24.84 -19.23 15.10
C VAL A 190 -25.77 -20.19 15.83
N GLN A 191 -25.20 -21.02 16.71
CA GLN A 191 -26.03 -21.91 17.50
C GLN A 191 -27.08 -21.12 18.25
N PHE A 192 -26.63 -20.08 18.96
CA PHE A 192 -27.58 -19.23 19.69
C PHE A 192 -28.64 -18.67 18.75
N CYS A 193 -28.22 -18.24 17.56
CA CYS A 193 -29.19 -17.78 16.58
C CYS A 193 -30.27 -18.83 16.34
N ASP A 194 -29.85 -20.06 16.03
CA ASP A 194 -30.82 -21.11 15.80
C ASP A 194 -31.70 -21.31 17.03
N ALA A 195 -31.11 -21.24 18.22
CA ALA A 195 -31.91 -21.31 19.44
C ALA A 195 -32.94 -20.20 19.44
N MET A 196 -32.51 -18.96 19.25
CA MET A 196 -33.44 -17.84 19.20
C MET A 196 -34.39 -17.98 18.02
N ARG A 197 -34.02 -18.73 17.00
CA ARG A 197 -34.96 -19.00 15.91
C ARG A 197 -35.95 -20.09 16.31
N ASN A 198 -35.46 -21.13 16.99
CA ASN A 198 -36.35 -22.23 17.37
C ASN A 198 -37.24 -21.83 18.53
N ALA A 199 -36.65 -21.24 19.57
CA ALA A 199 -37.44 -20.82 20.72
C ALA A 199 -38.32 -19.60 20.42
N GLY A 200 -38.17 -18.99 19.24
CA GLY A 200 -38.99 -17.86 18.87
C GLY A 200 -38.78 -16.66 19.77
N ILE A 201 -37.55 -16.15 19.83
CA ILE A 201 -37.18 -15.05 20.70
C ILE A 201 -36.56 -13.95 19.86
N VAL A 202 -36.92 -12.70 20.17
CA VAL A 202 -36.33 -11.54 19.52
C VAL A 202 -35.44 -10.83 20.53
N GLY A 203 -34.38 -10.22 20.03
CA GLY A 203 -33.44 -9.52 20.87
C GLY A 203 -32.15 -9.27 20.13
N VAL A 204 -31.34 -8.39 20.71
CA VAL A 204 -30.07 -8.00 20.11
C VAL A 204 -28.95 -8.81 20.74
N LEU A 205 -28.05 -9.30 19.90
CA LEU A 205 -26.88 -10.05 20.36
C LEU A 205 -25.77 -9.04 20.63
N THR A 206 -25.64 -8.63 21.89
CA THR A 206 -24.65 -7.64 22.26
C THR A 206 -23.33 -8.32 22.60
N LEU A 207 -22.24 -7.71 22.17
CA LEU A 207 -20.92 -8.34 22.31
C LEU A 207 -20.53 -8.53 23.77
N ASP A 208 -21.01 -7.67 24.67
CA ASP A 208 -20.63 -7.78 26.07
C ASP A 208 -21.35 -8.91 26.79
N ASN A 209 -22.12 -9.73 26.07
CA ASN A 209 -22.77 -10.89 26.65
C ASN A 209 -22.08 -12.19 26.30
N GLN A 210 -21.44 -12.27 25.14
CA GLN A 210 -20.78 -13.49 24.72
C GLN A 210 -19.44 -13.62 25.43
N ASP A 211 -19.25 -14.71 26.17
CA ASP A 211 -17.99 -14.96 26.84
C ASP A 211 -16.90 -15.22 25.81
N LEU A 212 -15.64 -14.96 26.24
CA LEU A 212 -14.51 -15.26 25.36
C LEU A 212 -14.38 -16.75 25.12
N ASN A 213 -15.00 -17.59 25.95
CA ASN A 213 -15.09 -19.01 25.64
C ASN A 213 -16.13 -19.27 24.55
N GLY A 214 -17.25 -18.55 24.60
CA GLY A 214 -18.26 -18.65 23.57
C GLY A 214 -19.69 -18.70 24.07
N ASN A 215 -19.88 -18.59 25.39
CA ASN A 215 -21.20 -18.71 25.97
C ASN A 215 -21.84 -17.33 26.13
N TRP A 216 -23.15 -17.28 26.01
CA TRP A 216 -23.94 -16.07 26.16
C TRP A 216 -24.64 -16.05 27.52
N TYR A 217 -25.02 -14.86 27.95
CA TYR A 217 -25.77 -14.71 29.20
C TYR A 217 -26.47 -13.35 29.19
N ASP A 218 -26.99 -12.96 30.35
CA ASP A 218 -27.68 -11.68 30.54
C ASP A 218 -28.89 -11.56 29.63
N PHE A 219 -29.87 -12.44 29.85
CA PHE A 219 -31.11 -12.45 29.09
C PHE A 219 -32.15 -11.59 29.82
N GLY A 220 -32.06 -10.28 29.60
CA GLY A 220 -32.96 -9.36 30.27
C GLY A 220 -33.68 -8.43 29.31
N ASP A 221 -33.18 -8.34 28.08
CA ASP A 221 -33.73 -7.44 27.07
C ASP A 221 -34.20 -8.23 25.85
N PHE A 222 -34.76 -9.42 26.08
CA PHE A 222 -35.25 -10.27 25.02
C PHE A 222 -36.74 -10.49 25.23
N ILE A 223 -37.50 -10.35 24.15
CA ILE A 223 -38.96 -10.50 24.18
C ILE A 223 -39.34 -11.84 23.59
N GLN A 224 -40.27 -12.53 24.25
CA GLN A 224 -40.71 -13.85 23.82
C GLN A 224 -41.83 -13.73 22.80
N THR A 225 -41.68 -14.42 21.68
CA THR A 225 -42.67 -14.45 20.61
C THR A 225 -43.06 -15.89 20.30
N THR A 226 -43.82 -16.07 19.23
CA THR A 226 -44.25 -17.40 18.83
C THR A 226 -43.03 -18.25 18.48
N PRO A 227 -42.91 -19.46 19.00
CA PRO A 227 -41.73 -20.27 18.71
C PRO A 227 -41.66 -20.65 17.25
N GLY A 228 -40.44 -20.62 16.71
CA GLY A 228 -40.22 -20.88 15.30
C GLY A 228 -40.26 -19.65 14.42
N SER A 229 -40.51 -18.47 14.98
CA SER A 229 -40.59 -17.25 14.19
C SER A 229 -39.89 -16.06 14.83
N GLY A 230 -39.20 -16.23 15.95
CA GLY A 230 -38.45 -15.15 16.54
C GLY A 230 -37.06 -15.04 15.92
N VAL A 231 -36.64 -13.81 15.66
CA VAL A 231 -35.36 -13.57 15.00
C VAL A 231 -34.48 -12.69 15.88
N PRO A 232 -33.17 -12.95 15.93
CA PRO A 232 -32.26 -12.08 16.66
C PRO A 232 -31.65 -11.01 15.76
N VAL A 233 -31.03 -10.02 16.41
CA VAL A 233 -30.38 -8.92 15.72
C VAL A 233 -28.88 -9.08 15.90
N VAL A 234 -28.17 -9.22 14.79
CA VAL A 234 -26.72 -9.48 14.83
C VAL A 234 -25.98 -8.47 13.97
N ASP A 235 -26.63 -7.36 13.65
CA ASP A 235 -25.96 -6.33 12.85
C ASP A 235 -24.77 -5.75 13.59
N SER A 236 -25.03 -5.19 14.79
CA SER A 236 -23.96 -4.58 15.57
C SER A 236 -22.90 -5.59 15.95
N TYR A 237 -23.32 -6.79 16.34
CA TYR A 237 -22.41 -7.84 16.77
C TYR A 237 -21.38 -8.17 15.70
N TYR A 238 -21.85 -8.69 14.57
CA TYR A 238 -20.92 -9.07 13.50
C TYR A 238 -20.21 -7.86 12.93
N SER A 239 -20.86 -6.69 12.90
CA SER A 239 -20.20 -5.51 12.37
C SER A 239 -18.97 -5.14 13.21
N LEU A 240 -19.17 -4.95 14.52
CA LEU A 240 -18.04 -4.64 15.39
C LEU A 240 -17.02 -5.76 15.40
N LEU A 241 -17.45 -7.01 15.20
CA LEU A 241 -16.53 -8.14 15.30
C LEU A 241 -15.74 -8.37 14.02
N MET A 242 -16.17 -7.79 12.90
CA MET A 242 -15.54 -8.09 11.62
C MET A 242 -14.04 -7.81 11.56
N PRO A 243 -13.50 -6.73 12.12
CA PRO A 243 -12.04 -6.50 11.98
C PRO A 243 -11.18 -7.61 12.56
N ILE A 244 -11.50 -8.08 13.77
CA ILE A 244 -10.68 -9.11 14.39
C ILE A 244 -10.85 -10.47 13.74
N LEU A 245 -11.79 -10.61 12.80
CA LEU A 245 -11.92 -11.88 12.09
C LEU A 245 -10.76 -12.09 11.13
N THR A 246 -10.29 -11.02 10.50
CA THR A 246 -9.10 -11.11 9.68
C THR A 246 -7.84 -10.65 10.39
N LEU A 247 -7.97 -9.90 11.49
CA LEU A 247 -6.81 -9.55 12.28
C LEU A 247 -6.22 -10.78 12.97
N THR A 248 -7.09 -11.62 13.55
CA THR A 248 -6.66 -12.85 14.21
C THR A 248 -6.85 -14.07 13.32
N ARG A 249 -7.35 -13.90 12.11
CA ARG A 249 -7.59 -15.00 11.18
C ARG A 249 -8.40 -16.11 11.86
N ALA A 250 -9.62 -15.75 12.26
CA ALA A 250 -10.49 -16.72 12.89
C ALA A 250 -10.89 -17.84 11.93
N LEU A 251 -10.86 -17.57 10.63
CA LEU A 251 -11.21 -18.58 9.63
C LEU A 251 -9.99 -19.31 9.09
N THR A 252 -8.94 -19.47 9.90
CA THR A 252 -7.78 -20.22 9.46
C THR A 252 -7.97 -21.72 9.52
N ALA A 253 -9.03 -22.20 10.18
CA ALA A 253 -9.28 -23.62 10.27
C ALA A 253 -9.95 -24.18 9.02
N GLU A 254 -10.55 -23.33 8.20
CA GLU A 254 -11.25 -23.80 7.00
C GLU A 254 -10.30 -24.27 5.92
N SER A 255 -9.00 -24.16 6.13
CA SER A 255 -8.01 -24.78 5.26
C SER A 255 -7.73 -26.23 5.64
N HIS A 256 -8.31 -26.71 6.73
CA HIS A 256 -8.07 -28.05 7.23
C HIS A 256 -9.32 -28.90 7.08
N VAL A 257 -9.12 -30.18 6.76
CA VAL A 257 -10.25 -31.10 6.65
C VAL A 257 -10.90 -31.27 8.01
N ASP A 258 -12.22 -31.44 8.01
CA ASP A 258 -13.03 -31.59 9.21
C ASP A 258 -12.91 -30.38 10.15
N THR A 259 -12.44 -29.25 9.63
CA THR A 259 -12.29 -28.00 10.38
C THR A 259 -11.64 -28.22 11.73
N ASP A 260 -10.40 -28.70 11.68
CA ASP A 260 -9.61 -28.93 12.89
C ASP A 260 -8.15 -28.67 12.58
N LEU A 261 -7.50 -27.86 13.41
CA LEU A 261 -6.10 -27.51 13.17
C LEU A 261 -5.17 -28.70 13.26
N THR A 262 -5.60 -29.80 13.90
CA THR A 262 -4.79 -30.99 14.02
C THR A 262 -4.88 -31.91 12.80
N LYS A 263 -5.36 -31.38 11.68
CA LYS A 263 -5.53 -32.13 10.45
C LYS A 263 -4.73 -31.48 9.33
N PRO A 264 -4.43 -32.21 8.26
CA PRO A 264 -3.65 -31.61 7.17
C PRO A 264 -4.44 -30.54 6.43
N TYR A 265 -3.72 -29.77 5.61
CA TYR A 265 -4.36 -28.78 4.78
C TYR A 265 -5.26 -29.43 3.75
N ILE A 266 -6.38 -28.79 3.44
CA ILE A 266 -7.28 -29.31 2.41
C ILE A 266 -6.58 -29.20 1.06
N LYS A 267 -6.33 -30.34 0.44
CA LYS A 267 -5.72 -30.37 -0.89
C LYS A 267 -6.77 -29.96 -1.90
N TRP A 268 -6.98 -28.65 -2.00
CA TRP A 268 -7.92 -28.10 -2.96
C TRP A 268 -7.47 -28.43 -4.37
N ASP A 269 -8.41 -28.87 -5.20
CA ASP A 269 -8.11 -29.14 -6.60
C ASP A 269 -7.61 -27.86 -7.26
N LEU A 270 -6.48 -27.95 -7.95
CA LEU A 270 -5.87 -26.75 -8.52
C LEU A 270 -6.78 -26.12 -9.57
N LEU A 271 -7.65 -26.89 -10.19
CA LEU A 271 -8.51 -26.36 -11.24
C LEU A 271 -9.75 -25.66 -10.69
N LYS A 272 -9.97 -25.70 -9.38
CA LYS A 272 -11.16 -25.07 -8.81
C LYS A 272 -10.92 -23.59 -8.61
N TYR A 273 -11.76 -22.77 -9.24
CA TYR A 273 -11.68 -21.33 -9.12
C TYR A 273 -12.95 -20.68 -8.63
N ASP A 274 -14.10 -21.33 -8.77
CA ASP A 274 -15.37 -20.70 -8.44
C ASP A 274 -15.50 -20.45 -6.94
N PHE A 275 -15.47 -21.52 -6.16
CA PHE A 275 -15.59 -21.46 -4.70
C PHE A 275 -16.87 -20.79 -4.23
N THR A 276 -17.85 -20.59 -5.12
CA THR A 276 -19.10 -19.96 -4.73
C THR A 276 -19.82 -20.80 -3.69
N GLU A 277 -19.87 -22.13 -3.90
CA GLU A 277 -20.51 -23.01 -2.95
C GLU A 277 -19.81 -22.96 -1.59
N GLU A 278 -18.48 -22.93 -1.60
CA GLU A 278 -17.74 -22.86 -0.35
C GLU A 278 -17.97 -21.54 0.36
N ARG A 279 -18.03 -20.44 -0.41
CA ARG A 279 -18.32 -19.15 0.20
C ARG A 279 -19.71 -19.12 0.82
N LEU A 280 -20.70 -19.67 0.13
CA LEU A 280 -22.05 -19.72 0.67
C LEU A 280 -22.12 -20.62 1.90
N LYS A 281 -21.38 -21.72 1.89
CA LYS A 281 -21.34 -22.61 3.05
C LYS A 281 -20.71 -21.91 4.25
N LEU A 282 -19.62 -21.17 4.02
CA LEU A 282 -18.99 -20.44 5.11
C LEU A 282 -19.91 -19.34 5.63
N PHE A 283 -20.62 -18.65 4.73
CA PHE A 283 -21.53 -17.62 5.16
C PHE A 283 -22.68 -18.19 5.99
N ASP A 284 -23.26 -19.29 5.55
CA ASP A 284 -24.34 -19.93 6.30
C ASP A 284 -23.85 -20.58 7.58
N ARG A 285 -22.58 -20.93 7.66
CA ARG A 285 -22.02 -21.53 8.86
C ARG A 285 -21.61 -20.50 9.90
N TYR A 286 -21.22 -19.30 9.48
CA TYR A 286 -20.75 -18.27 10.39
C TYR A 286 -21.69 -17.09 10.54
N PHE A 287 -22.36 -16.68 9.47
CA PHE A 287 -23.22 -15.50 9.48
C PHE A 287 -24.62 -15.86 9.00
N LYS A 288 -25.18 -16.94 9.54
CA LYS A 288 -26.53 -17.33 9.15
C LYS A 288 -27.56 -16.30 9.57
N TYR A 289 -27.35 -15.63 10.69
CA TYR A 289 -28.28 -14.62 11.17
C TYR A 289 -28.08 -13.27 10.51
N TRP A 290 -27.07 -13.13 9.65
CA TRP A 290 -26.86 -11.87 8.93
C TRP A 290 -28.05 -11.58 8.05
N ASP A 291 -28.78 -10.51 8.36
CA ASP A 291 -30.04 -10.24 7.70
C ASP A 291 -29.84 -9.87 6.23
N GLN A 292 -28.85 -9.04 5.93
CA GLN A 292 -28.65 -8.59 4.57
C GLN A 292 -28.19 -9.73 3.68
N THR A 293 -28.77 -9.82 2.47
CA THR A 293 -28.37 -10.85 1.53
C THR A 293 -26.94 -10.63 1.07
N TYR A 294 -26.20 -11.72 0.94
CA TYR A 294 -24.79 -11.68 0.58
C TYR A 294 -24.57 -12.46 -0.69
N HIS A 295 -23.89 -11.84 -1.66
CA HIS A 295 -23.60 -12.47 -2.93
C HIS A 295 -22.13 -12.82 -2.98
N PRO A 296 -21.77 -14.11 -3.08
CA PRO A 296 -20.33 -14.45 -3.14
C PRO A 296 -19.62 -13.85 -4.32
N ASN A 297 -20.24 -13.86 -5.49
CA ASN A 297 -19.75 -13.13 -6.64
C ASN A 297 -20.38 -11.74 -6.62
N CYS A 298 -19.54 -10.70 -6.62
CA CYS A 298 -20.06 -9.35 -6.44
C CYS A 298 -20.73 -8.81 -7.69
N VAL A 299 -20.70 -9.54 -8.81
CA VAL A 299 -21.40 -9.08 -10.00
C VAL A 299 -22.91 -9.06 -9.76
N ASN A 300 -23.39 -9.80 -8.75
CA ASN A 300 -24.80 -9.86 -8.41
C ASN A 300 -25.19 -8.89 -7.31
N CYS A 301 -24.48 -7.77 -7.19
CA CYS A 301 -24.79 -6.79 -6.16
C CYS A 301 -25.78 -5.76 -6.67
N LEU A 302 -26.38 -5.02 -5.73
CA LEU A 302 -27.46 -4.10 -6.03
C LEU A 302 -26.98 -2.66 -6.23
N ASP A 303 -26.08 -2.19 -5.37
CA ASP A 303 -25.54 -0.84 -5.48
C ASP A 303 -24.09 -0.88 -5.01
N ASP A 304 -23.46 0.31 -4.95
CA ASP A 304 -22.10 0.38 -4.47
C ASP A 304 -22.00 -0.06 -3.02
N ARG A 305 -23.02 0.22 -2.21
CA ARG A 305 -23.02 -0.25 -0.84
C ARG A 305 -23.09 -1.78 -0.78
N CYS A 306 -23.88 -2.39 -1.68
CA CYS A 306 -23.92 -3.84 -1.73
C CYS A 306 -22.58 -4.41 -2.17
N ILE A 307 -21.90 -3.73 -3.09
CA ILE A 307 -20.57 -4.19 -3.49
C ILE A 307 -19.60 -4.12 -2.32
N LEU A 308 -19.66 -3.03 -1.55
CA LEU A 308 -18.80 -2.92 -0.38
C LEU A 308 -19.09 -4.02 0.62
N HIS A 309 -20.37 -4.32 0.86
CA HIS A 309 -20.74 -5.36 1.82
C HIS A 309 -20.24 -6.73 1.36
N CYS A 310 -20.57 -7.11 0.13
CA CYS A 310 -20.19 -8.42 -0.37
C CYS A 310 -18.68 -8.55 -0.52
N ALA A 311 -17.98 -7.47 -0.83
CA ALA A 311 -16.52 -7.55 -0.92
C ALA A 311 -15.90 -7.65 0.45
N ASN A 312 -16.47 -6.95 1.44
CA ASN A 312 -15.99 -7.10 2.81
C ASN A 312 -16.18 -8.52 3.31
N PHE A 313 -17.21 -9.21 2.83
CA PHE A 313 -17.35 -10.62 3.20
C PHE A 313 -16.35 -11.49 2.45
N ASN A 314 -16.25 -11.31 1.13
CA ASN A 314 -15.31 -12.12 0.34
C ASN A 314 -13.87 -11.95 0.83
N VAL A 315 -13.56 -10.80 1.43
CA VAL A 315 -12.24 -10.60 2.00
C VAL A 315 -11.96 -11.64 3.07
N LEU A 316 -12.95 -11.90 3.94
CA LEU A 316 -12.76 -12.92 4.96
C LEU A 316 -12.86 -14.32 4.37
N PHE A 317 -13.74 -14.53 3.40
CA PHE A 317 -13.93 -15.86 2.85
C PHE A 317 -12.87 -16.25 1.84
N SER A 318 -11.96 -15.35 1.48
CA SER A 318 -10.89 -15.68 0.55
C SER A 318 -9.57 -15.97 1.23
N THR A 319 -9.49 -15.83 2.56
CA THR A 319 -8.30 -16.22 3.30
C THR A 319 -8.22 -17.72 3.54
N VAL A 320 -9.25 -18.47 3.12
CA VAL A 320 -9.29 -19.91 3.34
C VAL A 320 -9.00 -20.70 2.07
N PHE A 321 -9.21 -20.12 0.90
CA PHE A 321 -9.01 -20.81 -0.36
C PHE A 321 -7.55 -20.76 -0.76
N PRO A 322 -7.13 -21.63 -1.69
CA PRO A 322 -5.73 -21.62 -2.12
C PRO A 322 -5.38 -20.31 -2.80
N PRO A 323 -4.29 -19.67 -2.39
CA PRO A 323 -3.91 -18.38 -3.01
C PRO A 323 -3.60 -18.50 -4.49
N THR A 324 -3.31 -19.69 -4.99
CA THR A 324 -3.06 -19.88 -6.41
C THR A 324 -4.34 -19.99 -7.22
N SER A 325 -5.50 -19.99 -6.57
CA SER A 325 -6.77 -20.09 -7.27
C SER A 325 -7.30 -18.74 -7.72
N PHE A 326 -6.89 -17.66 -7.08
CA PHE A 326 -7.35 -16.32 -7.42
C PHE A 326 -6.61 -15.83 -8.67
N GLY A 327 -6.74 -14.55 -8.98
CA GLY A 327 -6.08 -13.99 -10.12
C GLY A 327 -6.87 -14.21 -11.40
N PRO A 328 -6.28 -13.84 -12.53
CA PRO A 328 -7.02 -13.93 -13.80
C PRO A 328 -7.30 -15.36 -14.20
N LEU A 329 -8.50 -15.59 -14.69
CA LEU A 329 -8.93 -16.90 -15.17
C LEU A 329 -8.73 -16.95 -16.68
N VAL A 330 -7.91 -17.88 -17.14
CA VAL A 330 -7.53 -17.94 -18.54
C VAL A 330 -8.16 -19.17 -19.18
N ARG A 331 -8.10 -19.20 -20.51
CA ARG A 331 -8.58 -20.34 -21.28
C ARG A 331 -7.92 -20.30 -22.64
N LYS A 332 -8.02 -21.41 -23.36
CA LYS A 332 -7.49 -21.52 -24.71
C LYS A 332 -8.45 -20.86 -25.69
N ILE A 333 -7.95 -19.86 -26.41
CA ILE A 333 -8.72 -19.19 -27.45
C ILE A 333 -8.13 -19.58 -28.80
N PHE A 334 -8.97 -19.57 -29.83
CA PHE A 334 -8.55 -19.92 -31.18
C PHE A 334 -8.41 -18.65 -32.00
N VAL A 335 -7.17 -18.30 -32.32
CA VAL A 335 -6.86 -17.13 -33.13
C VAL A 335 -6.25 -17.62 -34.44
N ASP A 336 -7.01 -17.48 -35.53
CA ASP A 336 -6.60 -17.73 -36.91
C ASP A 336 -5.58 -18.85 -37.06
N GLY A 337 -5.92 -20.03 -36.56
CA GLY A 337 -5.00 -21.15 -36.61
C GLY A 337 -4.39 -21.51 -35.26
N VAL A 338 -3.14 -21.09 -35.04
CA VAL A 338 -2.45 -21.42 -33.79
C VAL A 338 -3.25 -20.88 -32.60
N PRO A 339 -3.45 -21.66 -31.55
CA PRO A 339 -4.24 -21.17 -30.41
C PRO A 339 -3.42 -20.34 -29.45
N PHE A 340 -4.09 -19.44 -28.76
CA PHE A 340 -3.50 -18.56 -27.77
C PHE A 340 -4.12 -18.87 -26.41
N VAL A 341 -3.56 -18.26 -25.37
CA VAL A 341 -4.11 -18.32 -24.03
C VAL A 341 -4.57 -16.91 -23.66
N VAL A 342 -5.86 -16.76 -23.37
CA VAL A 342 -6.44 -15.45 -23.10
C VAL A 342 -7.23 -15.53 -21.81
N SER A 343 -7.10 -14.49 -20.98
CA SER A 343 -7.83 -14.43 -19.72
C SER A 343 -9.26 -13.99 -19.98
N THR A 344 -10.21 -14.86 -19.65
CA THR A 344 -11.62 -14.55 -19.84
C THR A 344 -12.33 -14.51 -18.50
N GLY A 345 -11.71 -13.86 -17.53
CA GLY A 345 -12.30 -13.73 -16.21
C GLY A 345 -11.27 -13.26 -15.22
N TYR A 346 -11.72 -13.16 -13.98
CA TYR A 346 -10.82 -12.80 -12.87
C TYR A 346 -11.49 -13.21 -11.57
N HIS A 347 -10.80 -14.03 -10.79
CA HIS A 347 -11.31 -14.45 -9.48
C HIS A 347 -10.65 -13.57 -8.43
N PHE A 348 -11.28 -12.44 -8.13
CA PHE A 348 -10.76 -11.55 -7.12
C PHE A 348 -10.92 -12.15 -5.74
N ARG A 349 -10.15 -11.63 -4.80
CA ARG A 349 -10.31 -12.00 -3.40
C ARG A 349 -11.44 -11.22 -2.74
N GLU A 350 -11.97 -10.19 -3.39
CA GLU A 350 -13.03 -9.37 -2.85
C GLU A 350 -14.27 -9.34 -3.72
N LEU A 351 -14.10 -9.27 -5.05
CA LEU A 351 -15.22 -9.18 -5.98
C LEU A 351 -15.64 -10.54 -6.52
N GLY A 352 -15.44 -11.61 -5.76
CA GLY A 352 -15.81 -12.94 -6.22
C GLY A 352 -15.15 -13.27 -7.54
N VAL A 353 -15.87 -14.04 -8.36
CA VAL A 353 -15.41 -14.42 -9.69
C VAL A 353 -16.22 -13.62 -10.71
N VAL A 354 -15.51 -12.88 -11.57
CA VAL A 354 -16.13 -12.02 -12.56
C VAL A 354 -15.73 -12.52 -13.94
N HIS A 355 -16.72 -12.88 -14.75
CA HIS A 355 -16.46 -13.39 -16.09
C HIS A 355 -16.55 -12.28 -17.12
N ASN A 356 -15.70 -12.37 -18.14
CA ASN A 356 -15.79 -11.45 -19.25
C ASN A 356 -17.08 -11.66 -20.01
N GLN A 357 -17.59 -10.58 -20.61
CA GLN A 357 -18.81 -10.64 -21.40
C GLN A 357 -18.52 -10.67 -22.90
N ASP A 358 -17.68 -9.77 -23.39
CA ASP A 358 -17.35 -9.71 -24.81
C ASP A 358 -16.21 -10.67 -25.10
N VAL A 359 -16.53 -11.96 -25.05
CA VAL A 359 -15.58 -13.03 -25.30
C VAL A 359 -16.01 -13.81 -26.53
N ASN A 360 -15.02 -14.39 -27.22
CA ASN A 360 -15.28 -15.20 -28.39
C ASN A 360 -14.14 -16.20 -28.56
N LEU A 361 -14.49 -17.46 -28.80
CA LEU A 361 -13.47 -18.49 -28.96
C LEU A 361 -12.81 -18.44 -30.33
N HIS A 362 -13.61 -18.24 -31.37
CA HIS A 362 -13.11 -18.19 -32.75
C HIS A 362 -12.89 -16.73 -33.13
N SER A 363 -11.63 -16.30 -33.08
CA SER A 363 -11.26 -14.93 -33.42
C SER A 363 -10.30 -14.96 -34.60
N SER A 364 -10.70 -14.33 -35.69
CA SER A 364 -9.88 -14.25 -36.90
C SER A 364 -9.81 -12.80 -37.36
N ARG A 365 -8.63 -12.40 -37.82
CA ARG A 365 -8.38 -11.04 -38.30
C ARG A 365 -8.73 -10.01 -37.23
N LEU A 366 -8.07 -10.15 -36.08
CA LEU A 366 -8.28 -9.23 -34.97
C LEU A 366 -7.70 -7.85 -35.28
N SER A 367 -8.30 -6.83 -34.69
CA SER A 367 -7.87 -5.46 -34.92
C SER A 367 -6.73 -5.11 -33.96
N PHE A 368 -6.35 -3.84 -33.93
CA PHE A 368 -5.26 -3.42 -33.04
C PHE A 368 -5.70 -3.37 -31.58
N LYS A 369 -6.97 -3.08 -31.34
CA LYS A 369 -7.46 -3.02 -29.96
C LYS A 369 -7.33 -4.37 -29.27
N GLU A 370 -7.88 -5.42 -29.89
CA GLU A 370 -7.81 -6.75 -29.29
C GLU A 370 -6.37 -7.22 -29.17
N LEU A 371 -5.52 -6.87 -30.14
CA LEU A 371 -4.12 -7.26 -30.06
C LEU A 371 -3.43 -6.59 -28.88
N LEU A 372 -3.73 -5.31 -28.65
CA LEU A 372 -3.14 -4.62 -27.50
C LEU A 372 -3.65 -5.20 -26.19
N VAL A 373 -4.95 -5.53 -26.12
CA VAL A 373 -5.48 -6.12 -24.90
C VAL A 373 -4.83 -7.48 -24.64
N TYR A 374 -4.59 -8.25 -25.69
CA TYR A 374 -3.96 -9.56 -25.51
C TYR A 374 -2.50 -9.42 -25.12
N ALA A 375 -1.82 -8.38 -25.62
CA ALA A 375 -0.44 -8.14 -25.21
C ALA A 375 -0.36 -7.74 -23.74
N ALA A 376 -1.21 -6.80 -23.33
CA ALA A 376 -1.25 -6.40 -21.93
C ALA A 376 -1.84 -7.46 -21.02
N ASP A 377 -2.41 -8.52 -21.59
CA ASP A 377 -2.97 -9.60 -20.78
C ASP A 377 -1.86 -10.48 -20.26
N PRO A 378 -1.73 -10.66 -18.94
CA PRO A 378 -0.71 -11.59 -18.42
C PRO A 378 -0.96 -13.03 -18.77
N ALA A 379 -2.11 -13.36 -19.34
CA ALA A 379 -2.39 -14.74 -19.71
C ALA A 379 -1.34 -15.27 -20.68
N MET A 380 -1.04 -14.50 -21.72
CA MET A 380 -0.03 -14.94 -22.69
C MET A 380 1.33 -15.06 -22.03
N HIS A 381 1.69 -14.10 -21.17
CA HIS A 381 3.04 -14.06 -20.62
C HIS A 381 3.28 -15.19 -19.64
N ALA A 382 2.44 -15.31 -18.62
CA ALA A 382 2.67 -16.31 -17.58
C ALA A 382 2.39 -17.73 -18.06
N ALA A 383 1.83 -17.91 -19.25
CA ALA A 383 1.57 -19.24 -19.78
C ALA A 383 2.75 -19.82 -20.54
N SER A 384 3.78 -19.03 -20.82
CA SER A 384 4.96 -19.51 -21.52
C SER A 384 6.26 -19.14 -20.80
N GLY A 385 6.18 -18.71 -19.55
CA GLY A 385 7.35 -18.44 -18.75
C GLY A 385 7.64 -19.58 -17.80
N ASN A 386 8.91 -19.71 -17.42
CA ASN A 386 9.32 -20.77 -16.52
C ASN A 386 8.73 -20.56 -15.14
N LEU A 387 8.19 -21.63 -14.56
CA LEU A 387 7.67 -21.56 -13.20
C LEU A 387 8.75 -21.06 -12.26
N LEU A 388 8.40 -20.09 -11.43
CA LEU A 388 9.36 -19.43 -10.56
C LEU A 388 9.01 -19.68 -9.10
N LEU A 389 10.05 -19.91 -8.29
CA LEU A 389 9.92 -20.04 -6.85
C LEU A 389 10.93 -19.07 -6.23
N ASP A 390 10.46 -17.91 -5.80
CA ASP A 390 11.34 -16.88 -5.26
C ASP A 390 11.25 -16.93 -3.74
N LYS A 391 12.28 -17.51 -3.11
CA LYS A 391 12.33 -17.56 -1.66
C LYS A 391 12.77 -16.25 -1.04
N ARG A 392 13.17 -15.26 -1.84
CA ARG A 392 13.56 -13.97 -1.30
C ARG A 392 12.39 -13.28 -0.63
N THR A 393 11.21 -13.37 -1.23
CA THR A 393 10.02 -12.68 -0.75
C THR A 393 8.94 -13.68 -0.41
N THR A 394 8.11 -13.31 0.56
CA THR A 394 6.94 -14.12 0.92
C THR A 394 5.79 -13.93 -0.07
N CYS A 395 5.91 -12.99 -0.99
CA CYS A 395 4.85 -12.74 -1.95
C CYS A 395 4.73 -13.92 -2.92
N PHE A 396 3.51 -14.19 -3.35
CA PHE A 396 3.23 -15.32 -4.22
C PHE A 396 3.74 -15.00 -5.62
N SER A 397 4.87 -15.56 -5.99
CA SER A 397 5.41 -15.36 -7.33
C SER A 397 4.56 -16.13 -8.34
N VAL A 398 4.79 -15.83 -9.62
CA VAL A 398 4.08 -16.53 -10.68
C VAL A 398 5.06 -17.17 -11.64
N ALA A 399 5.93 -16.39 -12.25
CA ALA A 399 6.76 -16.94 -13.31
C ALA A 399 7.99 -16.06 -13.52
N ALA A 400 8.78 -16.38 -14.53
CA ALA A 400 9.95 -15.59 -14.91
C ALA A 400 9.99 -15.55 -16.43
N LEU A 401 9.67 -14.38 -17.00
CA LEU A 401 9.63 -14.27 -18.46
C LEU A 401 11.01 -14.36 -19.09
N THR A 402 12.07 -14.09 -18.32
CA THR A 402 13.43 -14.13 -18.83
C THR A 402 14.17 -15.29 -18.19
N ASN A 403 15.01 -15.96 -18.98
CA ASN A 403 15.71 -17.16 -18.53
C ASN A 403 16.72 -16.90 -17.43
N ASN A 404 16.93 -15.65 -17.02
CA ASN A 404 17.82 -15.35 -15.91
C ASN A 404 17.30 -14.13 -15.17
N VAL A 405 17.44 -14.14 -13.84
CA VAL A 405 16.91 -13.06 -13.01
C VAL A 405 17.75 -11.81 -13.22
N ALA A 406 17.10 -10.67 -13.40
CA ALA A 406 17.77 -9.39 -13.57
C ALA A 406 17.93 -8.71 -12.21
N PHE A 407 19.17 -8.32 -11.91
CA PHE A 407 19.49 -7.65 -10.65
C PHE A 407 19.88 -6.21 -10.98
N GLN A 408 18.88 -5.33 -11.07
CA GLN A 408 19.14 -3.93 -11.34
C GLN A 408 19.47 -3.22 -10.03
N THR A 409 20.51 -2.40 -10.05
CA THR A 409 20.97 -1.70 -8.86
C THR A 409 20.82 -0.19 -9.05
N VAL A 410 20.74 0.52 -7.94
CA VAL A 410 20.57 1.96 -7.95
C VAL A 410 21.94 2.61 -7.84
N LYS A 411 22.35 3.31 -8.89
CA LYS A 411 23.63 3.99 -8.90
C LYS A 411 23.62 5.14 -7.90
N PRO A 412 24.79 5.57 -7.44
CA PRO A 412 24.85 6.78 -6.61
C PRO A 412 24.81 8.03 -7.46
N GLY A 413 24.29 9.09 -6.86
CA GLY A 413 24.14 10.35 -7.59
C GLY A 413 25.49 10.98 -7.89
N ASN A 414 25.63 11.50 -9.11
CA ASN A 414 26.82 12.25 -9.46
C ASN A 414 27.00 13.43 -8.52
N PHE A 415 28.24 13.87 -8.39
CA PHE A 415 28.61 14.92 -7.45
C PHE A 415 28.97 16.18 -8.21
N ASN A 416 28.35 17.31 -7.83
CA ASN A 416 28.67 18.61 -8.40
C ASN A 416 29.61 19.31 -7.42
N LYS A 417 30.92 19.16 -7.64
CA LYS A 417 31.88 19.71 -6.71
C LYS A 417 31.93 21.23 -6.75
N ASP A 418 31.54 21.84 -7.87
CA ASP A 418 31.55 23.29 -7.97
C ASP A 418 30.69 23.92 -6.87
N PHE A 419 29.45 23.47 -6.75
CA PHE A 419 28.59 24.02 -5.71
C PHE A 419 29.09 23.67 -4.33
N TYR A 420 29.72 22.51 -4.15
CA TYR A 420 30.20 22.14 -2.83
C TYR A 420 31.33 23.06 -2.38
N ASP A 421 32.29 23.34 -3.27
CA ASP A 421 33.36 24.25 -2.89
C ASP A 421 32.83 25.67 -2.74
N PHE A 422 31.86 26.06 -3.59
CA PHE A 422 31.25 27.37 -3.44
C PHE A 422 30.55 27.53 -2.11
N ALA A 423 29.97 26.44 -1.59
CA ALA A 423 29.28 26.50 -0.31
C ALA A 423 30.26 26.50 0.86
N VAL A 424 31.29 25.65 0.80
CA VAL A 424 32.23 25.59 1.92
C VAL A 424 33.08 26.86 1.98
N SER A 425 33.31 27.51 0.84
CA SER A 425 34.07 28.75 0.84
C SER A 425 33.30 29.93 1.41
N LYS A 426 31.99 29.78 1.63
CA LYS A 426 31.16 30.84 2.17
C LYS A 426 30.62 30.50 3.56
N GLY A 427 31.42 29.78 4.35
CA GLY A 427 31.07 29.52 5.73
C GLY A 427 29.91 28.56 5.94
N PHE A 428 29.90 27.46 5.21
CA PHE A 428 28.90 26.43 5.37
C PHE A 428 29.55 25.11 5.76
N PHE A 429 28.72 24.16 6.17
CA PHE A 429 29.17 22.83 6.59
C PHE A 429 30.19 22.91 7.72
N LYS A 430 30.07 23.93 8.55
CA LYS A 430 31.00 24.11 9.66
C LYS A 430 30.68 23.13 10.78
N GLU A 431 31.49 23.16 11.83
CA GLU A 431 31.30 22.27 12.97
C GLU A 431 30.15 22.79 13.83
N GLY A 432 29.21 21.89 14.16
CA GLY A 432 28.11 22.23 15.02
C GLY A 432 27.06 23.14 14.42
N SER A 433 27.09 23.34 13.10
CA SER A 433 26.12 24.21 12.47
C SER A 433 24.72 23.59 12.53
N SER A 434 23.71 24.46 12.65
CA SER A 434 22.34 23.98 12.71
C SER A 434 21.92 23.30 11.42
N VAL A 435 22.41 23.78 10.28
CA VAL A 435 22.15 23.15 8.99
C VAL A 435 23.25 22.14 8.73
N GLU A 436 22.86 20.94 8.28
CA GLU A 436 23.80 19.88 8.01
C GLU A 436 23.28 19.05 6.85
N LEU A 437 24.16 18.70 5.92
CA LEU A 437 23.79 17.89 4.78
C LEU A 437 23.30 16.53 5.23
N LYS A 438 22.03 16.22 4.91
CA LYS A 438 21.41 14.96 5.32
C LYS A 438 20.71 14.21 4.20
N HIS A 439 20.52 14.80 3.04
CA HIS A 439 19.81 14.17 1.94
C HIS A 439 20.83 13.77 0.86
N PHE A 440 20.85 12.48 0.52
CA PHE A 440 21.81 11.96 -0.44
C PHE A 440 21.10 11.01 -1.39
N PHE A 441 21.67 10.85 -2.58
CA PHE A 441 21.19 9.86 -3.54
C PHE A 441 21.80 8.52 -3.17
N PHE A 442 21.10 7.79 -2.29
CA PHE A 442 21.61 6.53 -1.78
C PHE A 442 21.74 5.49 -2.88
N ALA A 443 22.78 4.69 -2.79
CA ALA A 443 22.98 3.56 -3.70
C ALA A 443 22.42 2.29 -3.07
N GLN A 444 21.90 1.41 -3.92
CA GLN A 444 21.29 0.17 -3.49
C GLN A 444 21.81 -0.97 -4.36
N ASP A 445 22.04 -2.11 -3.74
CA ASP A 445 22.63 -3.26 -4.43
C ASP A 445 21.59 -3.97 -5.28
N GLY A 446 21.96 -5.13 -5.83
CA GLY A 446 21.07 -5.87 -6.72
C GLY A 446 19.83 -6.42 -6.05
N ASN A 447 19.77 -6.40 -4.72
CA ASN A 447 18.60 -6.84 -3.97
C ASN A 447 17.74 -5.68 -3.53
N ALA A 448 17.63 -4.65 -4.38
CA ALA A 448 16.85 -3.46 -4.05
C ALA A 448 15.38 -3.63 -4.41
N ALA A 449 15.11 -3.95 -5.68
CA ALA A 449 13.73 -4.02 -6.15
C ALA A 449 12.96 -5.12 -5.43
N ILE A 450 13.58 -6.30 -5.27
CA ILE A 450 12.88 -7.42 -4.65
C ILE A 450 12.67 -7.16 -3.16
N SER A 451 13.72 -6.73 -2.47
CA SER A 451 13.58 -6.49 -1.03
C SER A 451 12.69 -5.29 -0.73
N ASP A 452 12.44 -4.42 -1.70
CA ASP A 452 11.51 -3.32 -1.48
C ASP A 452 10.08 -3.70 -1.85
N TYR A 453 9.89 -4.50 -2.91
CA TYR A 453 8.59 -5.04 -3.22
C TYR A 453 8.10 -5.97 -2.12
N ASP A 454 9.03 -6.64 -1.43
CA ASP A 454 8.70 -7.50 -0.31
C ASP A 454 8.07 -6.76 0.85
N TYR A 455 8.06 -5.42 0.83
CA TYR A 455 7.34 -4.67 1.84
C TYR A 455 5.84 -4.82 1.72
N TYR A 456 5.35 -5.47 0.67
CA TYR A 456 3.94 -5.77 0.55
C TYR A 456 3.48 -6.81 1.57
N ARG A 457 4.42 -7.50 2.21
CA ARG A 457 4.05 -8.47 3.24
C ARG A 457 3.34 -7.82 4.41
N TYR A 458 3.39 -6.50 4.51
CA TYR A 458 2.62 -5.76 5.49
C TYR A 458 1.18 -5.54 5.05
N ASN A 459 0.83 -5.91 3.82
CA ASN A 459 -0.53 -5.79 3.32
C ASN A 459 -1.27 -7.07 3.66
N LEU A 460 -2.06 -7.03 4.70
CA LEU A 460 -2.82 -8.18 5.12
C LEU A 460 -4.29 -8.02 4.78
N PRO A 461 -5.00 -9.11 4.48
CA PRO A 461 -6.43 -9.00 4.23
C PRO A 461 -7.15 -8.50 5.47
N THR A 462 -7.95 -7.45 5.29
CA THR A 462 -8.60 -6.77 6.40
C THR A 462 -10.10 -6.71 6.15
N MET A 463 -10.88 -7.20 7.09
CA MET A 463 -12.33 -7.17 7.02
C MET A 463 -12.82 -5.99 7.84
N CYS A 464 -13.20 -4.91 7.16
CA CYS A 464 -13.62 -3.70 7.85
C CYS A 464 -15.03 -3.85 8.40
N ASP A 465 -15.29 -3.12 9.49
CA ASP A 465 -16.63 -3.03 10.06
C ASP A 465 -17.56 -2.53 8.96
N ILE A 466 -18.46 -3.39 8.49
CA ILE A 466 -19.14 -3.10 7.23
C ILE A 466 -20.21 -2.04 7.41
N ARG A 467 -20.84 -1.96 8.58
CA ARG A 467 -21.75 -0.85 8.81
C ARG A 467 -21.00 0.46 8.94
N GLN A 468 -19.91 0.45 9.72
CA GLN A 468 -19.07 1.63 9.84
C GLN A 468 -18.51 2.04 8.48
N LEU A 469 -18.05 1.07 7.68
CA LEU A 469 -17.53 1.39 6.37
C LEU A 469 -18.62 1.92 5.45
N LEU A 470 -19.83 1.35 5.54
CA LEU A 470 -20.91 1.78 4.67
C LEU A 470 -21.44 3.15 5.02
N PHE A 471 -21.24 3.60 6.25
CA PHE A 471 -21.59 4.97 6.60
C PHE A 471 -20.46 5.95 6.29
N VAL A 472 -19.22 5.53 6.55
CA VAL A 472 -18.08 6.38 6.26
C VAL A 472 -17.93 6.61 4.77
N VAL A 473 -18.33 5.65 3.95
CA VAL A 473 -18.27 5.89 2.50
C VAL A 473 -19.26 6.97 2.10
N GLU A 474 -20.41 7.04 2.78
CA GLU A 474 -21.36 8.11 2.48
C GLU A 474 -20.82 9.46 2.91
N VAL A 475 -20.27 9.54 4.13
CA VAL A 475 -19.70 10.81 4.58
C VAL A 475 -18.55 11.23 3.68
N VAL A 476 -17.76 10.26 3.20
CA VAL A 476 -16.63 10.58 2.35
C VAL A 476 -17.10 11.07 0.99
N ASP A 477 -18.14 10.45 0.43
CA ASP A 477 -18.70 10.98 -0.81
C ASP A 477 -19.27 12.37 -0.61
N LYS A 478 -19.75 12.66 0.60
CA LYS A 478 -20.16 14.03 0.90
C LYS A 478 -18.96 14.97 0.91
N TYR A 479 -17.80 14.49 1.34
CA TYR A 479 -16.58 15.28 1.22
C TYR A 479 -16.18 15.50 -0.24
N PHE A 480 -16.69 14.69 -1.16
CA PHE A 480 -16.41 14.82 -2.58
C PHE A 480 -17.64 15.21 -3.38
N ASP A 481 -18.56 15.93 -2.76
CA ASP A 481 -19.81 16.30 -3.42
C ASP A 481 -19.69 17.58 -4.24
N CYS A 482 -18.70 18.43 -3.95
CA CYS A 482 -18.59 19.69 -4.66
C CYS A 482 -18.07 19.50 -6.08
N TYR A 483 -17.23 18.50 -6.31
CA TYR A 483 -16.62 18.29 -7.61
C TYR A 483 -17.66 17.71 -8.57
N ASP A 484 -17.23 17.36 -9.77
CA ASP A 484 -18.11 16.74 -10.75
C ASP A 484 -17.28 15.91 -11.71
N GLY A 485 -17.75 14.70 -12.00
CA GLY A 485 -17.01 13.77 -12.84
C GLY A 485 -17.93 13.03 -13.79
N GLY A 486 -17.34 12.14 -14.55
CA GLY A 486 -18.08 11.36 -15.52
C GLY A 486 -17.17 10.90 -16.64
N CYS A 487 -17.66 9.92 -17.39
CA CYS A 487 -16.90 9.37 -18.50
C CYS A 487 -16.75 10.43 -19.60
N ILE A 488 -15.52 10.62 -20.06
CA ILE A 488 -15.23 11.60 -21.09
C ILE A 488 -14.81 10.86 -22.35
N ASN A 489 -14.98 11.54 -23.48
CA ASN A 489 -14.57 10.96 -24.76
C ASN A 489 -13.05 10.93 -24.85
N ALA A 490 -12.56 10.19 -25.85
CA ALA A 490 -11.12 10.10 -26.05
C ALA A 490 -10.52 11.39 -26.60
N ASN A 491 -11.34 12.25 -27.19
CA ASN A 491 -10.83 13.50 -27.76
C ASN A 491 -10.67 14.60 -26.71
N GLN A 492 -11.29 14.46 -25.55
CA GLN A 492 -11.22 15.46 -24.49
C GLN A 492 -10.37 14.97 -23.31
N VAL A 493 -9.30 14.27 -23.62
CA VAL A 493 -8.32 13.86 -22.61
C VAL A 493 -7.22 14.92 -22.54
N ILE A 494 -6.69 15.14 -21.34
CA ILE A 494 -5.70 16.19 -21.12
C ILE A 494 -4.41 15.52 -20.69
N VAL A 495 -4.15 14.33 -21.23
CA VAL A 495 -2.93 13.61 -20.90
C VAL A 495 -1.72 14.44 -21.30
N ASN A 496 -0.74 14.49 -20.40
CA ASN A 496 0.47 15.26 -20.60
C ASN A 496 1.69 14.36 -20.42
N ASN A 497 2.82 14.82 -20.96
CA ASN A 497 4.10 14.12 -20.86
C ASN A 497 4.00 12.70 -21.42
N LEU A 498 3.77 12.65 -22.72
CA LEU A 498 3.73 11.39 -23.46
C LEU A 498 5.12 10.80 -23.70
N ASP A 499 6.14 11.31 -23.03
CA ASP A 499 7.52 10.83 -23.19
C ASP A 499 7.93 9.96 -22.01
N LYS A 500 7.01 9.14 -21.50
CA LYS A 500 7.30 8.23 -20.41
C LYS A 500 6.85 6.83 -20.79
N SER A 501 7.33 5.85 -20.02
CA SER A 501 7.11 4.45 -20.35
C SER A 501 5.62 4.09 -20.28
N ALA A 502 5.31 2.91 -20.81
CA ALA A 502 3.93 2.45 -20.96
C ALA A 502 3.79 1.03 -20.42
N GLY A 503 4.30 0.80 -19.21
CA GLY A 503 4.22 -0.51 -18.59
C GLY A 503 5.22 -1.48 -19.20
N PHE A 504 5.17 -2.73 -18.71
CA PHE A 504 6.14 -3.72 -19.17
C PHE A 504 5.85 -4.21 -20.58
N PRO A 505 4.67 -4.74 -20.90
CA PRO A 505 4.52 -5.46 -22.17
C PRO A 505 4.52 -4.54 -23.39
N PHE A 506 4.83 -3.26 -23.19
CA PHE A 506 4.90 -2.31 -24.30
C PHE A 506 6.14 -1.45 -24.34
N ASN A 507 6.93 -1.37 -23.26
CA ASN A 507 8.07 -0.47 -23.26
C ASN A 507 9.21 -0.93 -24.16
N LYS A 508 9.10 -2.12 -24.77
CA LYS A 508 10.16 -2.62 -25.63
C LYS A 508 10.15 -1.97 -27.02
N TRP A 509 9.12 -1.20 -27.36
CA TRP A 509 9.03 -0.59 -28.67
C TRP A 509 8.81 0.92 -28.64
N GLY A 510 8.56 1.51 -27.48
CA GLY A 510 8.39 2.94 -27.42
C GLY A 510 7.72 3.35 -26.12
N LYS A 511 7.50 4.66 -26.02
CA LYS A 511 6.88 5.27 -24.85
C LYS A 511 5.38 5.43 -25.09
N ALA A 512 4.71 6.15 -24.19
CA ALA A 512 3.28 6.38 -24.35
C ALA A 512 2.95 7.24 -25.56
N ARG A 513 3.94 7.96 -26.10
CA ARG A 513 3.71 8.78 -27.28
C ARG A 513 3.25 7.94 -28.46
N LEU A 514 3.90 6.80 -28.69
CA LEU A 514 3.53 5.96 -29.82
C LEU A 514 2.15 5.35 -29.64
N TYR A 515 1.83 4.91 -28.43
CA TYR A 515 0.54 4.28 -28.17
C TYR A 515 -0.60 5.29 -28.10
N TYR A 516 -0.29 6.58 -27.93
CA TYR A 516 -1.30 7.61 -28.02
C TYR A 516 -1.41 8.21 -29.42
N ASP A 517 -0.37 8.09 -30.25
CA ASP A 517 -0.43 8.55 -31.62
C ASP A 517 -0.85 7.46 -32.60
N SER A 518 -0.88 6.20 -32.16
CA SER A 518 -1.26 5.10 -33.04
C SER A 518 -2.77 4.82 -32.97
N MET A 519 -3.27 4.57 -31.76
CA MET A 519 -4.69 4.30 -31.59
C MET A 519 -5.51 5.55 -31.86
N SER A 520 -6.39 5.49 -32.85
CA SER A 520 -7.26 6.63 -33.13
C SER A 520 -8.33 6.75 -32.04
N TYR A 521 -9.14 7.81 -32.14
CA TYR A 521 -10.12 8.07 -31.10
C TYR A 521 -11.15 6.97 -31.02
N GLU A 522 -11.55 6.40 -32.16
CA GLU A 522 -12.49 5.30 -32.13
C GLU A 522 -11.86 4.06 -31.51
N ASP A 523 -10.56 3.87 -31.67
CA ASP A 523 -9.88 2.73 -31.04
C ASP A 523 -9.89 2.86 -29.53
N GLN A 524 -9.55 4.04 -29.01
CA GLN A 524 -9.57 4.24 -27.57
C GLN A 524 -10.99 4.15 -27.02
N ASP A 525 -11.97 4.65 -27.77
CA ASP A 525 -13.35 4.54 -27.33
C ASP A 525 -13.80 3.09 -27.30
N ALA A 526 -13.40 2.29 -28.29
CA ALA A 526 -13.73 0.87 -28.27
C ALA A 526 -13.03 0.15 -27.12
N LEU A 527 -11.79 0.54 -26.81
CA LEU A 527 -11.09 -0.06 -25.68
C LEU A 527 -11.79 0.28 -24.37
N PHE A 528 -12.30 1.51 -24.25
CA PHE A 528 -13.03 1.87 -23.04
C PHE A 528 -14.38 1.18 -22.96
N ALA A 529 -15.01 0.93 -24.12
CA ALA A 529 -16.23 0.13 -24.11
C ALA A 529 -15.94 -1.32 -23.75
N TYR A 530 -14.76 -1.82 -24.12
CA TYR A 530 -14.37 -3.17 -23.76
C TYR A 530 -14.14 -3.30 -22.26
N THR A 531 -13.35 -2.39 -21.69
CA THR A 531 -13.14 -2.43 -20.24
C THR A 531 -14.39 -2.06 -19.46
N LYS A 532 -15.43 -1.56 -20.12
CA LYS A 532 -16.68 -1.30 -19.46
C LYS A 532 -17.57 -2.54 -19.34
N ARG A 533 -17.17 -3.65 -19.96
CA ARG A 533 -17.94 -4.88 -19.91
C ARG A 533 -17.09 -6.11 -19.63
N ASN A 534 -15.78 -5.95 -19.45
CA ASN A 534 -14.88 -7.08 -19.26
C ASN A 534 -13.91 -6.75 -18.13
N VAL A 535 -12.90 -7.59 -17.96
CA VAL A 535 -11.82 -7.36 -17.01
C VAL A 535 -10.51 -7.51 -17.76
N ILE A 536 -9.69 -6.47 -17.74
CA ILE A 536 -8.40 -6.49 -18.43
C ILE A 536 -7.28 -6.51 -17.39
N PRO A 537 -6.72 -7.65 -17.05
CA PRO A 537 -5.56 -7.67 -16.16
C PRO A 537 -4.33 -7.13 -16.87
N THR A 538 -3.47 -6.45 -16.11
CA THR A 538 -2.25 -5.86 -16.65
C THR A 538 -1.08 -6.18 -15.72
N ILE A 539 0.11 -5.87 -16.22
CA ILE A 539 1.35 -6.14 -15.49
C ILE A 539 2.02 -4.80 -15.24
N THR A 540 1.92 -4.30 -14.00
CA THR A 540 2.56 -3.04 -13.64
C THR A 540 4.03 -3.31 -13.36
N GLN A 541 4.90 -2.79 -14.23
CA GLN A 541 6.33 -3.05 -14.08
C GLN A 541 6.89 -2.26 -12.92
N MET A 542 7.55 -2.96 -11.99
CA MET A 542 8.13 -2.32 -10.82
C MET A 542 9.56 -1.93 -11.14
N ASN A 543 9.83 -0.63 -11.21
CA ASN A 543 11.15 -0.11 -11.48
C ASN A 543 11.67 0.63 -10.26
N LEU A 544 12.97 0.92 -10.27
CA LEU A 544 13.61 1.62 -9.17
C LEU A 544 13.78 3.09 -9.54
N LYS A 545 13.34 3.98 -8.65
CA LYS A 545 13.50 5.40 -8.91
C LYS A 545 14.92 5.83 -8.56
N TYR A 546 15.27 7.03 -8.99
CA TYR A 546 16.61 7.59 -8.83
C TYR A 546 16.53 8.97 -8.20
N ALA A 547 15.77 9.08 -7.12
CA ALA A 547 15.55 10.35 -6.44
C ALA A 547 16.32 10.40 -5.14
N ILE A 548 16.47 11.61 -4.61
CA ILE A 548 17.17 11.80 -3.35
C ILE A 548 16.30 11.31 -2.19
N SER A 549 16.94 11.04 -1.07
CA SER A 549 16.21 10.56 0.10
C SER A 549 17.04 10.80 1.35
N ALA A 550 16.34 11.06 2.45
CA ALA A 550 16.98 11.15 3.75
C ALA A 550 17.06 9.80 4.46
N LYS A 551 16.39 8.79 3.93
CA LYS A 551 16.42 7.44 4.48
C LYS A 551 17.03 6.49 3.46
N ASN A 552 17.28 5.26 3.90
CA ASN A 552 18.04 4.29 3.12
C ASN A 552 17.17 3.41 2.23
N ARG A 553 15.84 3.58 2.26
CA ARG A 553 14.96 2.71 1.49
C ARG A 553 15.14 2.96 -0.01
N ALA A 554 14.59 2.04 -0.80
CA ALA A 554 14.69 2.11 -2.26
C ALA A 554 13.59 2.93 -2.88
N ARG A 555 12.36 2.82 -2.38
CA ARG A 555 11.21 3.60 -2.83
C ARG A 555 10.98 3.38 -4.33
N THR A 556 10.59 2.16 -4.65
CA THR A 556 10.36 1.79 -6.04
C THR A 556 9.08 2.45 -6.57
N VAL A 557 9.02 2.54 -7.89
CA VAL A 557 7.85 3.06 -8.59
C VAL A 557 7.22 1.90 -9.37
N ALA A 558 5.93 2.06 -9.68
CA ALA A 558 5.15 1.00 -10.31
C ALA A 558 4.53 1.53 -11.60
N GLY A 559 5.26 1.44 -12.69
CA GLY A 559 4.74 1.89 -13.97
C GLY A 559 3.65 0.99 -14.48
N VAL A 560 2.39 1.47 -14.44
CA VAL A 560 1.28 0.67 -14.90
C VAL A 560 1.26 0.61 -16.41
N SER A 561 0.50 -0.34 -16.94
CA SER A 561 0.44 -0.53 -18.38
C SER A 561 -0.33 0.62 -19.04
N ILE A 562 -0.07 0.81 -20.33
CA ILE A 562 -0.77 1.88 -21.04
C ILE A 562 -2.23 1.54 -21.20
N CYS A 563 -2.56 0.26 -21.34
CA CYS A 563 -3.96 -0.14 -21.51
C CYS A 563 -4.77 0.17 -20.26
N SER A 564 -4.15 0.04 -19.08
CA SER A 564 -4.87 0.35 -17.85
C SER A 564 -5.01 1.85 -17.65
N THR A 565 -3.91 2.59 -17.83
CA THR A 565 -3.94 4.02 -17.53
C THR A 565 -4.76 4.79 -18.55
N MET A 566 -4.83 4.31 -19.79
CA MET A 566 -5.66 4.98 -20.79
C MET A 566 -7.13 4.94 -20.39
N THR A 567 -7.63 3.75 -20.03
CA THR A 567 -9.01 3.63 -19.60
C THR A 567 -9.24 4.35 -18.27
N ASN A 568 -8.25 4.32 -17.37
CA ASN A 568 -8.40 5.03 -16.11
C ASN A 568 -8.51 6.54 -16.34
N ARG A 569 -7.80 7.06 -17.34
CA ARG A 569 -7.93 8.47 -17.68
C ARG A 569 -9.29 8.75 -18.28
N GLN A 570 -9.72 7.95 -19.24
CA GLN A 570 -11.03 8.17 -19.85
C GLN A 570 -12.14 8.09 -18.83
N PHE A 571 -11.96 7.31 -17.77
CA PHE A 571 -13.00 7.13 -16.76
C PHE A 571 -12.91 8.13 -15.62
N HIS A 572 -11.72 8.67 -15.33
CA HIS A 572 -11.54 9.50 -14.16
C HIS A 572 -11.12 10.93 -14.45
N GLN A 573 -10.63 11.24 -15.64
CA GLN A 573 -10.10 12.58 -15.86
C GLN A 573 -11.21 13.58 -16.12
N LYS A 574 -12.23 13.57 -15.28
CA LYS A 574 -13.19 14.66 -15.22
C LYS A 574 -13.39 15.04 -13.76
N LEU A 575 -13.27 14.04 -12.89
CA LEU A 575 -13.32 14.26 -11.45
C LEU A 575 -11.94 14.60 -10.91
N LEU A 576 -10.90 13.99 -11.44
CA LEU A 576 -9.55 14.32 -11.01
C LEU A 576 -9.19 15.75 -11.37
N LYS A 577 -9.49 16.17 -12.59
CA LYS A 577 -9.24 17.55 -12.98
C LYS A 577 -10.08 18.51 -12.15
N SER A 578 -11.33 18.15 -11.87
CA SER A 578 -12.19 19.00 -11.05
C SER A 578 -11.74 19.05 -9.61
N ILE A 579 -10.97 18.07 -9.16
CA ILE A 579 -10.32 18.16 -7.86
C ILE A 579 -9.06 19.00 -7.96
N ALA A 580 -8.34 18.89 -9.06
CA ALA A 580 -7.13 19.66 -9.31
C ALA A 580 -7.41 21.10 -9.74
N ALA A 581 -8.68 21.51 -9.74
CA ALA A 581 -9.03 22.87 -10.16
C ALA A 581 -10.07 23.47 -9.22
N THR A 582 -10.10 23.03 -7.96
CA THR A 582 -11.06 23.50 -6.98
C THR A 582 -10.30 23.92 -5.73
N ARG A 583 -10.45 25.17 -5.33
CA ARG A 583 -9.79 25.69 -4.14
C ARG A 583 -10.74 25.65 -2.96
N GLY A 584 -10.18 25.86 -1.77
CA GLY A 584 -10.96 25.88 -0.56
C GLY A 584 -11.56 24.54 -0.16
N ALA A 585 -11.27 23.47 -0.89
CA ALA A 585 -11.81 22.16 -0.59
C ALA A 585 -10.96 21.46 0.46
N THR A 586 -11.41 20.29 0.89
CA THR A 586 -10.62 19.49 1.82
C THR A 586 -9.44 18.85 1.10
N VAL A 587 -9.66 18.34 -0.10
CA VAL A 587 -8.57 17.82 -0.93
C VAL A 587 -7.91 19.00 -1.63
N VAL A 588 -6.60 19.16 -1.41
CA VAL A 588 -5.89 20.33 -1.93
C VAL A 588 -4.96 19.91 -3.06
N ILE A 589 -5.28 18.82 -3.75
CA ILE A 589 -4.54 18.46 -4.95
C ILE A 589 -4.85 19.50 -6.03
N GLY A 590 -3.80 20.03 -6.64
CA GLY A 590 -3.93 21.06 -7.64
C GLY A 590 -3.73 22.47 -7.12
N THR A 591 -3.91 22.70 -5.82
CA THR A 591 -3.74 24.02 -5.25
C THR A 591 -2.26 24.30 -5.06
N SER A 592 -1.78 25.38 -5.66
CA SER A 592 -0.36 25.70 -5.65
C SER A 592 0.06 26.31 -4.32
N LYS A 593 1.31 26.06 -3.95
CA LYS A 593 1.88 26.66 -2.75
C LYS A 593 2.43 28.06 -3.01
N PHE A 594 2.65 28.40 -4.27
CA PHE A 594 3.19 29.71 -4.63
C PHE A 594 2.05 30.71 -4.80
N TYR A 595 2.44 31.99 -4.88
CA TYR A 595 1.50 33.10 -5.02
C TYR A 595 0.50 33.12 -3.86
N GLY A 596 1.03 33.06 -2.64
CA GLY A 596 0.21 33.15 -1.45
C GLY A 596 -0.77 32.00 -1.30
N GLY A 597 -0.64 30.98 -2.14
CA GLY A 597 -1.54 29.84 -2.05
C GLY A 597 -1.45 29.11 -0.73
N TRP A 598 -0.25 29.08 -0.15
CA TRP A 598 -0.08 28.43 1.16
C TRP A 598 -0.92 29.12 2.23
N HIS A 599 -0.95 30.46 2.20
CA HIS A 599 -1.79 31.19 3.14
C HIS A 599 -3.26 30.91 2.89
N ASN A 600 -3.66 30.81 1.62
CA ASN A 600 -5.04 30.46 1.29
C ASN A 600 -5.40 29.10 1.89
N MET A 601 -4.54 28.11 1.71
CA MET A 601 -4.82 26.77 2.21
C MET A 601 -4.89 26.75 3.72
N LEU A 602 -3.95 27.41 4.39
CA LEU A 602 -3.97 27.40 5.86
C LEU A 602 -5.18 28.13 6.41
N LYS A 603 -5.53 29.27 5.83
CA LYS A 603 -6.72 29.99 6.30
C LYS A 603 -7.99 29.24 5.98
N THR A 604 -7.99 28.43 4.91
CA THR A 604 -9.12 27.57 4.63
C THR A 604 -9.25 26.47 5.67
N VAL A 605 -8.12 25.86 6.05
CA VAL A 605 -8.16 24.83 7.08
C VAL A 605 -8.62 25.40 8.40
N TYR A 606 -8.19 26.62 8.73
CA TYR A 606 -8.57 27.21 10.01
C TYR A 606 -10.08 27.38 10.09
N SER A 607 -10.65 28.23 9.24
CA SER A 607 -12.10 28.32 9.05
C SER A 607 -12.87 28.34 10.37
N ASP A 608 -12.65 29.39 11.17
CA ASP A 608 -13.32 29.68 12.43
C ASP A 608 -13.68 28.42 13.23
N VAL A 609 -12.72 27.52 13.37
CA VAL A 609 -12.88 26.33 14.20
C VAL A 609 -12.59 26.72 15.65
N GLU A 610 -13.57 26.53 16.53
CA GLU A 610 -13.42 26.93 17.92
C GLU A 610 -12.33 26.09 18.59
N ASN A 611 -11.57 26.73 19.48
CA ASN A 611 -10.48 26.10 20.20
C ASN A 611 -9.54 25.36 19.25
N PRO A 612 -8.89 26.07 18.32
CA PRO A 612 -8.21 25.38 17.21
C PRO A 612 -6.87 24.81 17.63
N HIS A 613 -6.64 23.55 17.25
CA HIS A 613 -5.31 22.96 17.29
C HIS A 613 -5.08 22.22 15.98
N LEU A 614 -3.83 22.22 15.51
CA LEU A 614 -3.49 21.55 14.28
C LEU A 614 -2.96 20.15 14.59
N MET A 615 -3.19 19.23 13.66
CA MET A 615 -2.74 17.86 13.83
C MET A 615 -2.38 17.30 12.47
N GLY A 616 -1.31 16.53 12.42
CA GLY A 616 -0.85 15.96 11.18
C GLY A 616 -0.31 14.56 11.38
N TRP A 617 -0.42 13.76 10.33
CA TRP A 617 0.02 12.38 10.37
C TRP A 617 0.55 12.01 9.00
N ASP A 618 1.35 10.96 8.96
CA ASP A 618 1.83 10.41 7.71
C ASP A 618 1.77 8.90 7.81
N TYR A 619 0.98 8.28 6.95
CA TYR A 619 0.66 6.87 7.08
C TYR A 619 1.90 6.01 6.85
N PRO A 620 2.29 5.17 7.80
CA PRO A 620 3.49 4.34 7.62
C PRO A 620 3.26 3.31 6.53
N LYS A 621 4.04 3.42 5.45
CA LYS A 621 3.94 2.51 4.30
C LYS A 621 2.52 2.48 3.75
N CYS A 622 2.00 3.67 3.43
CA CYS A 622 0.65 3.74 2.88
C CYS A 622 0.55 3.01 1.55
N ASP A 623 1.62 2.99 0.77
CA ASP A 623 1.58 2.34 -0.53
C ASP A 623 1.47 0.82 -0.38
N ARG A 624 2.03 0.27 0.69
CA ARG A 624 2.08 -1.17 0.88
C ARG A 624 0.89 -1.69 1.69
N ALA A 625 0.74 -1.20 2.92
CA ALA A 625 -0.19 -1.78 3.89
C ALA A 625 -1.60 -1.20 3.80
N MET A 626 -1.98 -0.65 2.66
CA MET A 626 -3.34 -0.17 2.51
C MET A 626 -4.26 -1.33 2.18
N PRO A 627 -5.33 -1.56 2.94
CA PRO A 627 -6.17 -2.74 2.71
C PRO A 627 -6.84 -2.70 1.35
N ASN A 628 -7.28 -3.87 0.90
CA ASN A 628 -8.03 -3.92 -0.36
C ASN A 628 -9.41 -3.31 -0.21
N MET A 629 -10.01 -3.42 0.98
CA MET A 629 -11.35 -2.90 1.15
C MET A 629 -11.39 -1.39 1.05
N LEU A 630 -10.44 -0.71 1.67
CA LEU A 630 -10.43 0.75 1.60
C LEU A 630 -10.03 1.24 0.22
N ARG A 631 -9.22 0.48 -0.52
CA ARG A 631 -8.93 0.86 -1.90
C ARG A 631 -10.15 0.69 -2.78
N ILE A 632 -10.94 -0.35 -2.56
CA ILE A 632 -12.19 -0.51 -3.28
C ILE A 632 -13.16 0.60 -2.92
N MET A 633 -13.21 0.96 -1.64
CA MET A 633 -14.02 2.09 -1.19
C MET A 633 -13.60 3.37 -1.92
N ALA A 634 -12.30 3.60 -2.05
CA ALA A 634 -11.82 4.79 -2.73
C ALA A 634 -12.22 4.79 -4.20
N SER A 635 -12.08 3.64 -4.87
CA SER A 635 -12.45 3.59 -6.27
C SER A 635 -13.96 3.74 -6.46
N LEU A 636 -14.75 3.27 -5.48
CA LEU A 636 -16.20 3.43 -5.57
C LEU A 636 -16.60 4.88 -5.34
N VAL A 637 -15.94 5.56 -4.40
CA VAL A 637 -16.21 6.98 -4.18
C VAL A 637 -15.82 7.79 -5.41
N LEU A 638 -14.68 7.47 -6.02
CA LEU A 638 -14.27 8.15 -7.24
C LEU A 638 -15.17 7.80 -8.42
N ALA A 639 -15.84 6.65 -8.39
CA ALA A 639 -16.74 6.27 -9.46
C ALA A 639 -18.18 6.69 -9.22
N ARG A 640 -18.47 7.32 -8.07
CA ARG A 640 -19.83 7.75 -7.77
C ARG A 640 -20.26 8.97 -8.56
N LYS A 641 -19.42 9.47 -9.47
CA LYS A 641 -19.78 10.59 -10.32
C LYS A 641 -20.36 10.17 -11.65
N HIS A 642 -20.64 8.87 -11.83
CA HIS A 642 -21.16 8.34 -13.08
C HIS A 642 -22.60 7.88 -12.92
N THR A 643 -23.38 8.60 -12.12
CA THR A 643 -24.78 8.24 -11.91
C THR A 643 -25.62 8.38 -13.16
N THR A 644 -25.08 8.94 -14.23
CA THR A 644 -25.81 9.11 -15.49
C THR A 644 -25.16 8.41 -16.67
N CYS A 645 -23.83 8.41 -16.74
CA CYS A 645 -23.13 7.90 -17.92
C CYS A 645 -22.76 6.43 -17.80
N CYS A 646 -22.91 5.82 -16.63
CA CYS A 646 -22.53 4.43 -16.42
C CYS A 646 -23.66 3.67 -15.75
N SER A 647 -23.87 2.43 -16.18
CA SER A 647 -24.83 1.56 -15.54
C SER A 647 -24.21 0.91 -14.31
N LEU A 648 -25.01 0.11 -13.60
CA LEU A 648 -24.47 -0.63 -12.47
C LEU A 648 -23.46 -1.68 -12.94
N SER A 649 -23.76 -2.36 -14.04
CA SER A 649 -22.81 -3.32 -14.60
C SER A 649 -21.55 -2.60 -15.10
N HIS A 650 -21.71 -1.45 -15.74
CA HIS A 650 -20.56 -0.70 -16.22
C HIS A 650 -19.69 -0.25 -15.05
N ARG A 651 -20.30 0.28 -14.00
CA ARG A 651 -19.54 0.73 -12.84
C ARG A 651 -18.84 -0.45 -12.16
N PHE A 652 -19.52 -1.58 -12.06
CA PHE A 652 -18.89 -2.75 -11.44
C PHE A 652 -17.73 -3.26 -12.27
N TYR A 653 -17.86 -3.27 -13.59
CA TYR A 653 -16.76 -3.76 -14.41
C TYR A 653 -15.59 -2.78 -14.41
N ARG A 654 -15.87 -1.49 -14.30
CA ARG A 654 -14.77 -0.53 -14.12
C ARG A 654 -14.07 -0.75 -12.78
N LEU A 655 -14.83 -1.00 -11.72
CA LEU A 655 -14.23 -1.32 -10.44
C LEU A 655 -13.43 -2.62 -10.52
N ALA A 656 -13.90 -3.59 -11.30
CA ALA A 656 -13.18 -4.84 -11.44
C ALA A 656 -11.87 -4.65 -12.19
N ASN A 657 -11.89 -3.81 -13.23
CA ASN A 657 -10.64 -3.49 -13.91
C ASN A 657 -9.68 -2.75 -12.99
N GLU A 658 -10.20 -1.86 -12.15
CA GLU A 658 -9.36 -1.20 -11.16
C GLU A 658 -8.72 -2.22 -10.24
N CYS A 659 -9.51 -3.15 -9.71
CA CYS A 659 -8.99 -4.15 -8.79
C CYS A 659 -7.98 -5.06 -9.48
N ALA A 660 -8.20 -5.37 -10.75
CA ALA A 660 -7.34 -6.28 -11.49
C ALA A 660 -6.10 -5.60 -12.06
N GLN A 661 -6.04 -4.26 -12.03
CA GLN A 661 -4.89 -3.55 -12.57
C GLN A 661 -4.07 -2.83 -11.53
N VAL A 662 -4.66 -2.37 -10.43
CA VAL A 662 -3.97 -1.49 -9.49
C VAL A 662 -4.13 -1.92 -8.04
N LEU A 663 -4.84 -3.01 -7.75
CA LEU A 663 -5.04 -3.45 -6.38
C LEU A 663 -4.37 -4.79 -6.10
N SER A 664 -4.68 -5.82 -6.89
CA SER A 664 -4.07 -7.14 -6.71
C SER A 664 -3.52 -7.67 -8.02
N GLU A 665 -3.11 -6.77 -8.91
CA GLU A 665 -2.55 -7.19 -10.18
C GLU A 665 -1.17 -7.81 -9.96
N MET A 666 -0.64 -8.42 -11.01
CA MET A 666 0.67 -9.05 -10.96
C MET A 666 1.73 -8.07 -11.45
N VAL A 667 2.77 -7.90 -10.64
CA VAL A 667 3.82 -6.94 -10.92
C VAL A 667 5.00 -7.68 -11.55
N MET A 668 5.93 -6.92 -12.12
CA MET A 668 7.11 -7.47 -12.77
C MET A 668 8.35 -6.79 -12.22
N CYS A 669 9.18 -7.55 -11.52
CA CYS A 669 10.48 -7.07 -11.06
C CYS A 669 11.54 -7.64 -11.98
N GLY A 670 12.24 -6.75 -12.68
CA GLY A 670 13.21 -7.19 -13.68
C GLY A 670 12.53 -7.94 -14.81
N GLY A 671 12.72 -9.25 -14.85
CA GLY A 671 12.03 -10.07 -15.83
C GLY A 671 11.23 -11.17 -15.16
N SER A 672 10.91 -10.99 -13.88
CA SER A 672 10.24 -12.01 -13.09
C SER A 672 8.90 -11.48 -12.61
N LEU A 673 7.85 -12.26 -12.83
CA LEU A 673 6.47 -11.84 -12.57
C LEU A 673 5.99 -12.41 -11.23
N TYR A 674 5.57 -11.51 -10.34
CA TYR A 674 5.03 -11.83 -9.02
C TYR A 674 3.60 -11.33 -8.93
N VAL A 675 2.91 -11.70 -7.86
CA VAL A 675 1.55 -11.26 -7.60
C VAL A 675 1.58 -10.35 -6.39
N LYS A 676 1.34 -9.07 -6.60
CA LYS A 676 1.18 -8.10 -5.52
C LYS A 676 0.06 -8.56 -4.59
N PRO A 677 0.34 -8.81 -3.31
CA PRO A 677 -0.71 -9.32 -2.42
C PRO A 677 -1.95 -8.46 -2.37
N GLY A 678 -1.82 -7.23 -1.87
CA GLY A 678 -2.96 -6.32 -1.83
C GLY A 678 -2.61 -4.87 -1.92
N GLY A 679 -1.34 -4.56 -2.18
CA GLY A 679 -0.90 -3.17 -2.14
C GLY A 679 -1.56 -2.34 -3.22
N THR A 680 -1.75 -1.06 -2.91
CA THR A 680 -2.26 -0.11 -3.90
C THR A 680 -1.08 0.44 -4.68
N SER A 681 -1.05 0.18 -5.98
CA SER A 681 0.00 0.68 -6.86
C SER A 681 0.16 2.18 -6.72
N SER A 682 1.41 2.64 -6.67
CA SER A 682 1.70 4.09 -6.56
C SER A 682 1.75 4.72 -7.95
N GLY A 683 1.71 3.89 -9.00
CA GLY A 683 1.75 4.38 -10.36
C GLY A 683 0.41 4.47 -11.05
N ASP A 684 -0.68 4.23 -10.34
CA ASP A 684 -2.00 4.38 -10.93
C ASP A 684 -2.22 5.80 -11.41
N ALA A 685 -3.01 5.94 -12.47
CA ALA A 685 -3.44 7.26 -12.93
C ALA A 685 -4.03 8.06 -11.77
N THR A 686 -4.87 7.43 -10.96
CA THR A 686 -5.61 8.09 -9.89
C THR A 686 -5.03 7.78 -8.52
N THR A 687 -3.71 7.64 -8.39
CA THR A 687 -3.15 7.27 -7.10
C THR A 687 -3.30 8.37 -6.07
N ALA A 688 -3.08 9.62 -6.47
CA ALA A 688 -3.14 10.73 -5.52
C ALA A 688 -4.55 10.94 -5.01
N TYR A 689 -5.52 10.96 -5.92
CA TYR A 689 -6.90 11.24 -5.52
C TYR A 689 -7.50 10.06 -4.76
N ALA A 690 -7.19 8.83 -5.17
CA ALA A 690 -7.68 7.67 -4.43
C ALA A 690 -7.06 7.60 -3.04
N ASN A 691 -5.77 7.92 -2.94
CA ASN A 691 -5.13 7.98 -1.62
C ASN A 691 -5.75 9.08 -0.77
N SER A 692 -6.16 10.19 -1.39
CA SER A 692 -6.83 11.24 -0.64
C SER A 692 -8.19 10.77 -0.14
N VAL A 693 -8.92 10.04 -0.98
CA VAL A 693 -10.18 9.45 -0.54
C VAL A 693 -9.94 8.52 0.64
N PHE A 694 -8.88 7.72 0.57
CA PHE A 694 -8.59 6.79 1.66
C PHE A 694 -8.21 7.51 2.93
N ASN A 695 -7.48 8.62 2.81
CA ASN A 695 -7.11 9.41 3.98
C ASN A 695 -8.33 10.06 4.62
N ILE A 696 -9.23 10.59 3.80
CA ILE A 696 -10.47 11.15 4.33
C ILE A 696 -11.32 10.04 4.97
N CYS A 697 -11.29 8.85 4.38
CA CYS A 697 -12.01 7.71 4.94
C CYS A 697 -11.48 7.38 6.33
N GLN A 698 -10.16 7.31 6.46
CA GLN A 698 -9.56 7.01 7.75
C GLN A 698 -9.86 8.10 8.77
N ALA A 699 -9.91 9.36 8.32
CA ALA A 699 -10.16 10.45 9.26
C ALA A 699 -11.61 10.44 9.73
N VAL A 700 -12.55 10.28 8.79
CA VAL A 700 -13.96 10.16 9.18
C VAL A 700 -14.17 8.94 10.07
N THR A 701 -13.43 7.86 9.80
CA THR A 701 -13.56 6.66 10.62
C THR A 701 -13.03 6.90 12.03
N ALA A 702 -11.90 7.61 12.15
CA ALA A 702 -11.41 7.98 13.47
C ALA A 702 -12.42 8.85 14.20
N ASN A 703 -13.08 9.75 13.48
CA ASN A 703 -14.06 10.62 14.11
C ASN A 703 -15.24 9.81 14.63
N VAL A 704 -15.79 8.92 13.80
CA VAL A 704 -16.93 8.13 14.25
C VAL A 704 -16.53 7.19 15.38
N ASN A 705 -15.31 6.67 15.36
CA ASN A 705 -14.87 5.77 16.43
C ASN A 705 -14.64 6.53 17.73
N ALA A 706 -14.18 7.78 17.64
CA ALA A 706 -14.03 8.58 18.84
C ALA A 706 -15.39 9.00 19.39
N LEU A 707 -16.33 9.31 18.50
CA LEU A 707 -17.66 9.71 18.95
C LEU A 707 -18.41 8.56 19.57
N LEU A 708 -18.22 7.34 19.05
CA LEU A 708 -18.89 6.18 19.62
C LEU A 708 -18.21 5.70 20.89
N SER A 709 -16.90 5.86 21.01
CA SER A 709 -16.15 5.37 22.14
C SER A 709 -16.17 6.31 23.33
N THR A 710 -17.15 7.22 23.39
CA THR A 710 -17.30 8.15 24.50
C THR A 710 -18.57 7.84 25.26
N ASP A 711 -18.51 8.00 26.59
CA ASP A 711 -19.68 7.74 27.43
C ASP A 711 -20.73 8.82 27.16
N GLY A 712 -21.91 8.39 26.70
CA GLY A 712 -22.95 9.34 26.34
C GLY A 712 -23.44 10.16 27.53
N ASN A 713 -23.46 9.57 28.72
CA ASN A 713 -23.91 10.30 29.90
C ASN A 713 -22.90 11.32 30.40
N LYS A 714 -21.73 11.42 29.77
CA LYS A 714 -20.72 12.38 30.18
C LYS A 714 -20.59 13.56 29.25
N ILE A 715 -21.10 13.46 28.02
CA ILE A 715 -21.05 14.59 27.10
C ILE A 715 -21.96 15.69 27.60
N ALA A 716 -21.43 16.90 27.73
CA ALA A 716 -22.20 18.01 28.29
C ALA A 716 -23.20 18.55 27.27
N ASP A 717 -22.80 18.67 26.01
CA ASP A 717 -23.66 19.25 24.98
C ASP A 717 -24.69 18.22 24.56
N LYS A 718 -25.98 18.55 24.74
CA LYS A 718 -27.04 17.61 24.40
C LYS A 718 -27.09 17.35 22.89
N TYR A 719 -26.74 18.34 22.08
CA TYR A 719 -26.73 18.13 20.63
C TYR A 719 -25.72 17.07 20.25
N VAL A 720 -24.57 17.03 20.92
CA VAL A 720 -23.58 16.02 20.60
C VAL A 720 -24.01 14.65 21.10
N ARG A 721 -24.72 14.58 22.23
CA ARG A 721 -25.27 13.31 22.67
C ARG A 721 -26.27 12.77 21.65
N ASN A 722 -27.17 13.63 21.18
CA ASN A 722 -28.10 13.22 20.14
C ASN A 722 -27.39 12.83 18.86
N LEU A 723 -26.29 13.52 18.55
CA LEU A 723 -25.51 13.18 17.36
C LEU A 723 -24.89 11.79 17.48
N GLN A 724 -24.32 11.49 18.64
CA GLN A 724 -23.73 10.17 18.85
C GLN A 724 -24.80 9.07 18.82
N HIS A 725 -25.95 9.34 19.43
CA HIS A 725 -27.03 8.37 19.44
C HIS A 725 -27.53 8.10 18.02
N ARG A 726 -27.78 9.15 17.25
CA ARG A 726 -28.22 8.96 15.88
C ARG A 726 -27.12 8.34 15.02
N LEU A 727 -25.86 8.57 15.38
CA LEU A 727 -24.77 7.94 14.65
C LEU A 727 -24.77 6.43 14.88
N TYR A 728 -24.90 6.01 16.13
CA TYR A 728 -25.02 4.58 16.40
C TYR A 728 -26.26 3.99 15.75
N GLU A 729 -27.35 4.76 15.70
CA GLU A 729 -28.58 4.26 15.10
C GLU A 729 -28.44 4.11 13.58
N CYS A 730 -27.75 5.03 12.94
CA CYS A 730 -27.49 4.93 11.50
C CYS A 730 -26.44 3.89 11.18
N LEU A 731 -25.58 3.55 12.14
CA LEU A 731 -24.57 2.53 11.92
C LEU A 731 -25.14 1.12 12.10
N TYR A 732 -25.60 0.81 13.31
CA TYR A 732 -25.92 -0.56 13.69
C TYR A 732 -27.40 -0.79 13.94
N ARG A 733 -28.25 0.14 13.50
CA ARG A 733 -29.69 -0.03 13.59
C ARG A 733 -30.41 0.31 12.30
N ASN A 734 -29.72 0.86 11.31
CA ASN A 734 -30.32 1.28 10.05
C ASN A 734 -29.58 0.60 8.90
N ARG A 735 -30.19 0.64 7.72
CA ARG A 735 -29.56 0.08 6.54
C ARG A 735 -29.67 0.96 5.30
N ASP A 736 -30.48 2.01 5.32
CA ASP A 736 -30.59 2.93 4.19
C ASP A 736 -29.60 4.08 4.33
N VAL A 737 -29.45 4.82 3.25
CA VAL A 737 -28.55 5.98 3.25
C VAL A 737 -29.28 7.16 3.91
N ASP A 738 -29.09 7.32 5.22
CA ASP A 738 -29.77 8.38 5.97
C ASP A 738 -29.13 9.71 5.61
N THR A 739 -29.51 10.24 4.43
CA THR A 739 -28.87 11.44 3.92
C THR A 739 -29.03 12.63 4.87
N ASP A 740 -30.13 12.66 5.64
CA ASP A 740 -30.30 13.72 6.62
C ASP A 740 -29.15 13.72 7.62
N PHE A 741 -28.98 12.61 8.34
CA PHE A 741 -27.90 12.55 9.31
C PHE A 741 -26.53 12.48 8.64
N VAL A 742 -26.46 11.95 7.43
CA VAL A 742 -25.18 11.96 6.71
C VAL A 742 -24.71 13.40 6.52
N ASN A 743 -25.60 14.27 6.02
CA ASN A 743 -25.24 15.67 5.85
C ASN A 743 -25.03 16.36 7.19
N GLU A 744 -25.82 16.00 8.20
CA GLU A 744 -25.64 16.62 9.51
C GLU A 744 -24.26 16.32 10.09
N PHE A 745 -23.83 15.05 10.00
CA PHE A 745 -22.52 14.65 10.51
C PHE A 745 -21.41 15.23 9.65
N TYR A 746 -21.62 15.32 8.34
CA TYR A 746 -20.63 15.94 7.48
C TYR A 746 -20.42 17.41 7.85
N ALA A 747 -21.52 18.13 8.11
CA ALA A 747 -21.40 19.52 8.54
C ALA A 747 -20.73 19.62 9.91
N TYR A 748 -21.10 18.72 10.83
CA TYR A 748 -20.47 18.70 12.14
C TYR A 748 -18.96 18.54 12.03
N LEU A 749 -18.51 17.60 11.20
CA LEU A 749 -17.07 17.41 11.01
C LEU A 749 -16.44 18.64 10.36
N ARG A 750 -16.96 19.05 9.21
CA ARG A 750 -16.36 20.16 8.48
C ARG A 750 -16.35 21.45 9.28
N LYS A 751 -17.20 21.56 10.30
CA LYS A 751 -17.17 22.73 11.16
C LYS A 751 -16.36 22.53 12.43
N HIS A 752 -16.07 21.28 12.81
CA HIS A 752 -15.28 21.01 14.01
C HIS A 752 -14.00 20.24 13.76
N PHE A 753 -13.86 19.58 12.61
CA PHE A 753 -12.67 18.82 12.25
C PHE A 753 -12.39 19.14 10.79
N SER A 754 -11.65 20.21 10.55
CA SER A 754 -11.42 20.70 9.19
C SER A 754 -10.11 20.12 8.68
N MET A 755 -10.16 19.45 7.54
CA MET A 755 -9.00 18.72 7.04
C MET A 755 -8.47 19.34 5.76
N MET A 756 -7.16 19.21 5.59
CA MET A 756 -6.48 19.50 4.33
C MET A 756 -5.70 18.24 3.97
N ILE A 757 -6.09 17.60 2.87
CA ILE A 757 -5.62 16.28 2.50
C ILE A 757 -4.92 16.39 1.15
N LEU A 758 -3.62 16.09 1.13
CA LEU A 758 -2.89 15.89 -0.11
C LEU A 758 -2.30 14.48 -0.05
N SER A 759 -3.16 13.51 -0.36
CA SER A 759 -2.83 12.19 -0.86
C SER A 759 -2.06 11.28 0.08
N ASP A 760 -1.38 11.84 1.09
CA ASP A 760 -1.10 11.10 2.30
C ASP A 760 -0.97 12.06 3.47
N ASP A 761 -0.78 13.33 3.14
CA ASP A 761 -0.53 14.34 4.16
C ASP A 761 -1.85 14.96 4.55
N ALA A 762 -2.02 15.21 5.84
CA ALA A 762 -3.27 15.74 6.34
C ALA A 762 -2.97 16.69 7.47
N VAL A 763 -3.41 17.94 7.31
CA VAL A 763 -3.38 18.92 8.39
C VAL A 763 -4.82 19.21 8.77
N VAL A 764 -5.19 18.91 10.00
CA VAL A 764 -6.55 19.13 10.47
C VAL A 764 -6.53 20.16 11.58
N CYS A 765 -7.43 21.12 11.49
CA CYS A 765 -7.74 22.03 12.58
C CYS A 765 -8.95 21.45 13.31
N PHE A 766 -8.76 21.13 14.58
CA PHE A 766 -9.82 20.51 15.35
C PHE A 766 -10.01 21.25 16.67
N ASN A 767 -11.17 21.04 17.26
CA ASN A 767 -11.53 21.71 18.50
C ASN A 767 -10.81 21.09 19.68
N SER A 768 -10.28 21.93 20.55
CA SER A 768 -9.56 21.44 21.73
C SER A 768 -10.51 20.74 22.69
N THR A 769 -11.61 21.39 23.04
CA THR A 769 -12.53 20.82 24.02
C THR A 769 -13.17 19.54 23.48
N TYR A 770 -13.50 19.51 22.19
CA TYR A 770 -14.12 18.33 21.62
C TYR A 770 -13.18 17.13 21.63
N ALA A 771 -11.92 17.34 21.27
CA ALA A 771 -10.97 16.23 21.26
C ALA A 771 -10.61 15.81 22.68
N SER A 772 -10.54 16.77 23.60
CA SER A 772 -10.25 16.42 25.00
C SER A 772 -11.39 15.62 25.61
N GLN A 773 -12.63 15.96 25.25
CA GLN A 773 -13.77 15.17 25.67
C GLN A 773 -13.98 13.94 24.82
N GLY A 774 -13.33 13.86 23.66
CA GLY A 774 -13.42 12.71 22.79
C GLY A 774 -14.45 12.79 21.68
N LEU A 775 -15.00 13.97 21.41
CA LEU A 775 -16.06 14.11 20.44
C LEU A 775 -15.56 14.17 19.00
N VAL A 776 -14.26 14.34 18.80
CA VAL A 776 -13.65 14.31 17.48
C VAL A 776 -12.42 13.43 17.53
N ALA A 777 -11.77 13.26 16.38
CA ALA A 777 -10.60 12.43 16.31
C ALA A 777 -9.41 13.10 17.01
N SER A 778 -8.38 12.31 17.27
CA SER A 778 -7.16 12.79 17.89
C SER A 778 -6.01 11.94 17.37
N ILE A 779 -4.87 11.99 18.05
CA ILE A 779 -3.76 11.12 17.67
C ILE A 779 -4.05 9.68 18.08
N LYS A 780 -4.60 9.48 19.28
CA LYS A 780 -4.85 8.13 19.76
C LYS A 780 -5.89 7.42 18.89
N ASN A 781 -6.93 8.14 18.47
CA ASN A 781 -7.96 7.54 17.64
C ASN A 781 -7.40 7.15 16.27
N PHE A 782 -6.55 7.99 15.70
CA PHE A 782 -5.94 7.64 14.42
C PHE A 782 -5.01 6.45 14.57
N LYS A 783 -4.24 6.40 15.65
CA LYS A 783 -3.37 5.26 15.87
C LYS A 783 -4.18 3.98 15.98
N SER A 784 -5.27 4.00 16.76
CA SER A 784 -6.08 2.80 16.93
C SER A 784 -6.74 2.38 15.63
N VAL A 785 -7.27 3.34 14.87
CA VAL A 785 -7.94 3.00 13.62
C VAL A 785 -6.95 2.43 12.62
N LEU A 786 -5.74 3.00 12.56
CA LEU A 786 -4.72 2.41 11.70
C LEU A 786 -4.32 1.03 12.20
N TYR A 787 -4.40 0.79 13.50
CA TYR A 787 -4.03 -0.51 14.04
C TYR A 787 -5.02 -1.58 13.61
N TYR A 788 -6.32 -1.34 13.78
CA TYR A 788 -7.28 -2.39 13.47
C TYR A 788 -7.76 -2.38 12.03
N GLN A 789 -7.75 -1.23 11.35
CA GLN A 789 -8.24 -1.14 9.99
C GLN A 789 -7.15 -1.07 8.95
N ASN A 790 -6.10 -0.28 9.18
CA ASN A 790 -5.00 -0.16 8.23
C ASN A 790 -3.88 -1.14 8.49
N ASN A 791 -3.87 -1.82 9.64
CA ASN A 791 -2.89 -2.86 9.95
C ASN A 791 -1.47 -2.32 10.05
N VAL A 792 -1.32 -1.08 10.52
CA VAL A 792 -0.02 -0.51 10.81
C VAL A 792 -0.11 0.30 12.10
N PHE A 793 0.99 0.37 12.83
CA PHE A 793 1.05 1.13 14.07
C PHE A 793 1.69 2.48 13.77
N MET A 794 0.91 3.55 13.88
CA MET A 794 1.39 4.89 13.58
C MET A 794 2.29 5.37 14.71
N SER A 795 3.59 5.37 14.47
CA SER A 795 4.55 5.82 15.48
C SER A 795 4.43 7.33 15.69
N GLU A 796 4.73 7.76 16.92
CA GLU A 796 4.62 9.17 17.28
C GLU A 796 5.63 10.04 16.56
N ALA A 797 6.58 9.46 15.83
CA ALA A 797 7.56 10.25 15.09
C ALA A 797 7.02 10.77 13.78
N LYS A 798 5.97 10.16 13.24
CA LYS A 798 5.38 10.60 11.97
C LYS A 798 4.12 11.44 12.16
N CYS A 799 3.68 11.64 13.39
CA CYS A 799 2.52 12.47 13.70
C CYS A 799 2.96 13.65 14.56
N TRP A 800 2.14 14.70 14.55
CA TRP A 800 2.49 15.93 15.26
C TRP A 800 1.24 16.70 15.62
N THR A 801 1.33 17.47 16.69
CA THR A 801 0.23 18.28 17.20
C THR A 801 0.74 19.69 17.47
N GLU A 802 0.15 20.67 16.79
CA GLU A 802 0.51 22.07 16.96
C GLU A 802 -0.55 22.75 17.83
N THR A 803 -0.11 23.29 18.96
CA THR A 803 -1.03 23.89 19.92
C THR A 803 -1.48 25.29 19.47
N ASP A 804 -0.54 26.13 19.06
CA ASP A 804 -0.85 27.49 18.66
C ASP A 804 -0.94 27.61 17.14
N LEU A 805 -1.77 28.53 16.68
CA LEU A 805 -1.94 28.78 15.26
C LEU A 805 -0.95 29.81 14.73
N THR A 806 -0.25 30.53 15.59
CA THR A 806 0.79 31.44 15.12
C THR A 806 1.85 30.67 14.35
N LYS A 807 2.34 29.57 14.92
CA LYS A 807 3.12 28.61 14.17
C LYS A 807 2.16 27.71 13.42
N GLY A 808 2.34 27.61 12.10
CA GLY A 808 1.45 26.84 11.28
C GLY A 808 1.62 25.34 11.45
N PRO A 809 1.33 24.58 10.40
CA PRO A 809 1.53 23.13 10.47
C PRO A 809 3.02 22.81 10.57
N HIS A 810 3.35 21.95 11.54
CA HIS A 810 4.75 21.58 11.73
C HIS A 810 5.35 20.96 10.48
N GLU A 811 4.53 20.37 9.63
CA GLU A 811 4.99 19.77 8.38
C GLU A 811 3.83 19.42 7.48
N PHE A 812 3.91 19.81 6.21
CA PHE A 812 2.92 19.41 5.21
C PHE A 812 3.65 19.29 3.89
N CYS A 813 3.71 18.08 3.35
CA CYS A 813 4.50 17.80 2.14
C CYS A 813 5.97 18.16 2.36
N SER A 814 6.44 17.96 3.59
CA SER A 814 7.79 18.34 4.01
C SER A 814 8.08 19.81 3.70
N GLN A 815 7.15 20.67 4.09
CA GLN A 815 7.26 22.12 3.92
C GLN A 815 6.83 22.76 5.23
N HIS A 816 7.78 23.00 6.13
CA HIS A 816 7.46 23.69 7.37
C HIS A 816 6.97 25.09 7.06
N THR A 817 6.26 25.69 8.01
CA THR A 817 5.67 27.01 7.81
C THR A 817 6.07 27.92 8.96
N MET A 818 5.70 29.19 8.81
CA MET A 818 5.97 30.22 9.80
C MET A 818 5.20 31.47 9.42
N LEU A 819 4.81 32.24 10.43
CA LEU A 819 4.08 33.49 10.23
C LEU A 819 5.08 34.62 10.03
N VAL A 820 5.18 35.11 8.80
CA VAL A 820 6.18 36.11 8.45
C VAL A 820 5.51 37.32 7.83
N LYS A 821 6.14 38.48 8.00
CA LYS A 821 5.60 39.73 7.48
C LYS A 821 6.06 39.91 6.04
N GLN A 822 5.11 40.07 5.12
CA GLN A 822 5.44 40.26 3.72
C GLN A 822 4.37 41.18 3.11
N GLY A 823 4.65 42.48 3.12
CA GLY A 823 3.72 43.46 2.59
C GLY A 823 2.77 44.01 3.63
N ASP A 824 3.27 44.20 4.86
CA ASP A 824 2.49 44.76 5.97
C ASP A 824 1.31 43.86 6.34
N ASP A 825 1.52 42.55 6.26
CA ASP A 825 0.50 41.59 6.68
C ASP A 825 1.17 40.25 6.94
N TYR A 826 0.88 39.66 8.10
CA TYR A 826 1.48 38.39 8.49
C TYR A 826 0.85 37.26 7.68
N VAL A 827 1.66 36.61 6.84
CA VAL A 827 1.20 35.51 6.01
C VAL A 827 2.01 34.26 6.34
N TYR A 828 1.70 33.16 5.66
CA TYR A 828 2.37 31.88 5.86
C TYR A 828 3.22 31.55 4.65
N LEU A 829 4.46 31.13 4.88
CA LEU A 829 5.39 30.77 3.83
C LEU A 829 5.90 29.35 4.05
N PRO A 830 5.91 28.52 3.02
CA PRO A 830 6.48 27.17 3.15
C PRO A 830 7.98 27.13 2.93
N TYR A 831 8.75 26.81 3.97
CA TYR A 831 10.19 26.67 3.79
C TYR A 831 10.59 25.21 3.93
N PRO A 832 11.23 24.63 2.93
CA PRO A 832 11.67 23.23 3.04
C PRO A 832 12.82 23.10 4.02
N ASP A 833 13.20 21.87 4.27
CA ASP A 833 14.37 21.62 5.10
C ASP A 833 15.62 22.10 4.37
N PRO A 834 16.45 22.93 5.00
CA PRO A 834 17.67 23.40 4.31
C PRO A 834 18.56 22.25 3.85
N SER A 835 18.56 21.14 4.59
CA SER A 835 19.34 19.98 4.18
C SER A 835 18.88 19.46 2.83
N ARG A 836 17.56 19.46 2.60
CA ARG A 836 17.02 18.92 1.35
C ARG A 836 17.44 19.78 0.16
N ILE A 837 17.31 21.11 0.29
CA ILE A 837 17.70 21.97 -0.81
C ILE A 837 19.21 21.95 -1.01
N LEU A 838 19.98 21.85 0.07
CA LEU A 838 21.43 21.72 -0.09
C LEU A 838 21.79 20.45 -0.84
N GLY A 839 21.17 19.33 -0.48
CA GLY A 839 21.43 18.09 -1.19
C GLY A 839 21.01 18.14 -2.65
N ALA A 840 19.91 18.84 -2.94
CA ALA A 840 19.53 19.05 -4.33
C ALA A 840 20.56 19.91 -5.05
N GLY A 841 21.26 20.77 -4.31
CA GLY A 841 22.30 21.57 -4.94
C GLY A 841 23.56 20.77 -5.23
N CYS A 842 24.07 20.06 -4.22
CA CYS A 842 25.35 19.36 -4.38
C CYS A 842 25.20 18.15 -5.28
N PHE A 843 24.36 17.19 -4.90
CA PHE A 843 24.27 15.92 -5.60
C PHE A 843 23.29 16.00 -6.76
N VAL A 844 23.69 15.44 -7.90
CA VAL A 844 22.93 15.48 -9.13
C VAL A 844 22.76 14.07 -9.65
N ASP A 845 21.54 13.72 -10.07
CA ASP A 845 21.25 12.38 -10.57
C ASP A 845 21.35 12.33 -12.09
N ASP A 846 22.57 12.57 -12.59
CA ASP A 846 22.88 12.52 -14.02
C ASP A 846 22.00 13.52 -14.78
N ILE A 847 22.16 14.79 -14.42
CA ILE A 847 21.44 15.88 -15.07
C ILE A 847 22.44 16.92 -15.56
N VAL A 848 23.30 17.39 -14.65
CA VAL A 848 24.22 18.48 -14.97
C VAL A 848 25.53 17.99 -15.57
N LYS A 849 25.81 16.69 -15.52
CA LYS A 849 27.05 16.17 -16.09
C LYS A 849 27.08 16.22 -17.61
N THR A 850 25.96 16.59 -18.25
CA THR A 850 25.90 16.66 -19.70
C THR A 850 26.16 18.07 -20.23
N ASP A 851 25.63 19.09 -19.56
CA ASP A 851 25.81 20.47 -20.02
C ASP A 851 25.85 21.39 -18.81
N GLY A 852 26.28 22.63 -19.06
CA GLY A 852 26.32 23.65 -18.03
C GLY A 852 25.11 24.56 -17.99
N THR A 853 24.26 24.52 -19.01
CA THR A 853 23.08 25.39 -19.04
C THR A 853 21.97 24.87 -18.14
N LEU A 854 21.85 23.55 -17.99
CA LEU A 854 20.80 22.99 -17.13
C LEU A 854 21.01 23.40 -15.68
N MET A 855 22.26 23.57 -15.26
CA MET A 855 22.52 24.02 -13.89
C MET A 855 21.86 25.36 -13.62
N ILE A 856 21.82 26.23 -14.63
CA ILE A 856 21.25 27.58 -14.43
C ILE A 856 19.80 27.47 -13.97
N GLU A 857 18.94 26.86 -14.81
CA GLU A 857 17.53 26.77 -14.45
C GLU A 857 17.31 25.85 -13.25
N ARG A 858 18.16 24.83 -13.07
CA ARG A 858 18.02 23.98 -11.89
C ARG A 858 18.20 24.79 -10.63
N PHE A 859 19.20 25.67 -10.60
CA PHE A 859 19.43 26.48 -9.41
C PHE A 859 18.42 27.60 -9.29
N VAL A 860 17.89 28.09 -10.42
CA VAL A 860 16.76 29.02 -10.34
C VAL A 860 15.60 28.36 -9.61
N SER A 861 15.27 27.14 -10.00
CA SER A 861 14.17 26.43 -9.36
C SER A 861 14.48 26.16 -7.89
N LEU A 862 15.73 25.80 -7.59
CA LEU A 862 16.10 25.56 -6.19
C LEU A 862 15.98 26.83 -5.36
N ALA A 863 16.33 27.98 -5.94
CA ALA A 863 16.19 29.24 -5.22
C ALA A 863 14.72 29.60 -5.03
N ILE A 864 13.90 29.34 -6.06
CA ILE A 864 12.46 29.52 -5.90
C ILE A 864 11.95 28.70 -4.74
N ASP A 865 12.46 27.48 -4.60
CA ASP A 865 12.01 26.59 -3.53
C ASP A 865 12.56 27.01 -2.17
N ALA A 866 13.74 27.61 -2.14
CA ALA A 866 14.44 27.88 -0.89
C ALA A 866 14.34 29.33 -0.42
N TYR A 867 13.69 30.20 -1.18
CA TYR A 867 13.57 31.61 -0.77
C TYR A 867 12.98 31.81 0.62
N PRO A 868 11.86 31.19 1.00
CA PRO A 868 11.27 31.52 2.31
C PRO A 868 12.22 31.37 3.48
N LEU A 869 13.31 30.63 3.31
CA LEU A 869 14.27 30.46 4.39
C LEU A 869 14.84 31.78 4.87
N THR A 870 14.82 32.82 4.04
CA THR A 870 15.35 34.12 4.45
C THR A 870 14.57 34.68 5.64
N LYS A 871 13.24 34.50 5.63
CA LYS A 871 12.43 34.98 6.73
C LYS A 871 12.55 34.12 7.98
N HIS A 872 13.31 33.04 7.92
CA HIS A 872 13.49 32.20 9.09
C HIS A 872 14.35 32.93 10.12
N PRO A 873 14.05 32.79 11.41
CA PRO A 873 14.86 33.48 12.43
C PRO A 873 16.30 32.99 12.49
N ASN A 874 16.55 31.73 12.19
CA ASN A 874 17.91 31.18 12.24
C ASN A 874 18.69 31.68 11.02
N GLN A 875 19.82 32.35 11.27
CA GLN A 875 20.60 32.93 10.18
C GLN A 875 21.24 31.85 9.33
N GLU A 876 21.67 30.75 9.96
CA GLU A 876 22.27 29.65 9.19
C GLU A 876 21.28 29.09 8.19
N TYR A 877 19.99 29.09 8.52
CA TYR A 877 18.97 28.67 7.55
C TYR A 877 18.81 29.72 6.46
N ALA A 878 18.80 31.00 6.83
CA ALA A 878 18.53 32.06 5.87
C ALA A 878 19.64 32.19 4.84
N ASP A 879 20.88 31.88 5.21
CA ASP A 879 21.98 32.05 4.28
C ASP A 879 21.95 31.05 3.13
N VAL A 880 21.05 30.07 3.15
CA VAL A 880 20.97 29.11 2.05
C VAL A 880 20.51 29.81 0.78
N PHE A 881 19.50 30.66 0.87
CA PHE A 881 19.04 31.37 -0.30
C PHE A 881 20.09 32.35 -0.80
N HIS A 882 20.82 32.99 0.11
CA HIS A 882 21.87 33.90 -0.32
C HIS A 882 22.98 33.13 -1.04
N LEU A 883 23.31 31.94 -0.56
CA LEU A 883 24.30 31.11 -1.24
C LEU A 883 23.82 30.72 -2.63
N TYR A 884 22.57 30.30 -2.75
CA TYR A 884 22.04 29.94 -4.06
C TYR A 884 22.05 31.14 -5.00
N LEU A 885 21.71 32.32 -4.48
CA LEU A 885 21.76 33.54 -5.28
C LEU A 885 23.17 33.81 -5.78
N GLN A 886 24.14 33.79 -4.86
CA GLN A 886 25.52 34.06 -5.23
C GLN A 886 26.04 33.04 -6.24
N TYR A 887 25.52 31.81 -6.20
CA TYR A 887 25.95 30.84 -7.20
C TYR A 887 25.30 31.12 -8.55
N ILE A 888 24.01 31.48 -8.57
CA ILE A 888 23.39 31.80 -9.85
C ILE A 888 23.99 33.05 -10.46
N ARG A 889 24.58 33.93 -9.64
CA ARG A 889 25.18 35.15 -10.17
C ARG A 889 26.22 34.83 -11.23
N LYS A 890 27.02 33.79 -11.03
CA LYS A 890 28.07 33.42 -11.98
C LYS A 890 27.52 32.45 -13.03
N LEU A 891 26.57 32.95 -13.82
CA LEU A 891 26.01 32.15 -14.90
C LEU A 891 27.02 31.95 -16.02
N HIS A 892 27.73 33.01 -16.39
CA HIS A 892 28.79 32.97 -17.41
C HIS A 892 28.34 32.33 -18.72
N TYR A 915 17.20 36.30 -13.37
CA TYR A 915 16.87 35.60 -12.14
C TYR A 915 17.88 35.92 -11.05
N TRP A 916 18.90 36.68 -11.41
CA TRP A 916 19.97 37.00 -10.47
C TRP A 916 19.44 37.81 -9.28
N GLU A 917 18.45 38.67 -9.52
CA GLU A 917 17.97 39.56 -8.48
C GLU A 917 17.16 38.80 -7.43
N PRO A 918 17.20 39.26 -6.17
CA PRO A 918 16.40 38.60 -5.13
C PRO A 918 14.96 39.10 -5.09
N GLU A 919 14.35 39.24 -6.27
CA GLU A 919 12.94 39.58 -6.39
C GLU A 919 12.17 38.61 -7.26
N PHE A 920 12.82 38.04 -8.29
CA PHE A 920 12.23 36.94 -9.04
C PHE A 920 11.94 35.75 -8.13
N TYR A 921 12.55 35.69 -6.95
CA TYR A 921 12.28 34.66 -5.97
C TYR A 921 11.47 35.19 -4.79
N GLU A 922 11.03 36.45 -4.84
CA GLU A 922 10.10 36.97 -3.86
C GLU A 922 8.72 37.23 -4.43
N ALA A 923 8.64 37.57 -5.72
CA ALA A 923 7.36 37.70 -6.40
C ALA A 923 6.65 36.36 -6.53
N MET A 924 7.32 35.26 -6.19
CA MET A 924 6.67 33.96 -6.09
C MET A 924 5.76 33.85 -4.89
N TYR A 925 5.87 34.77 -3.93
CA TYR A 925 5.09 34.65 -2.70
C TYR A 925 4.23 35.88 -2.43
N THR A 926 4.06 36.74 -3.41
CA THR A 926 3.10 37.83 -3.32
C THR A 926 1.86 37.44 -4.10
N PRO A 927 0.67 37.44 -3.49
CA PRO A 927 -0.53 36.95 -4.19
C PRO A 927 -0.83 37.69 -5.47
N HIS A 928 -0.68 36.99 -6.60
CA HIS A 928 -1.00 37.56 -7.91
C HIS A 928 -1.02 36.46 -8.97
N ASP B 78 3.64 5.37 -41.45
CA ASP B 78 2.79 5.04 -40.32
C ASP B 78 3.51 4.09 -39.36
N LYS B 79 3.93 4.62 -38.22
CA LYS B 79 4.57 3.80 -37.19
C LYS B 79 3.58 2.89 -36.48
N ARG B 80 2.28 3.13 -36.62
CA ARG B 80 1.29 2.24 -36.03
C ARG B 80 1.40 0.83 -36.62
N ALA B 81 1.51 0.74 -37.93
CA ALA B 81 1.67 -0.57 -38.57
C ALA B 81 2.97 -1.22 -38.15
N LYS B 82 4.04 -0.42 -37.99
CA LYS B 82 5.32 -0.98 -37.57
C LYS B 82 5.23 -1.56 -36.16
N VAL B 83 4.63 -0.82 -35.23
CA VAL B 83 4.53 -1.32 -33.87
C VAL B 83 3.57 -2.49 -33.79
N THR B 84 2.53 -2.51 -34.63
CA THR B 84 1.62 -3.65 -34.67
C THR B 84 2.35 -4.90 -35.16
N SER B 85 3.16 -4.75 -36.21
CA SER B 85 3.92 -5.89 -36.72
C SER B 85 4.92 -6.39 -35.67
N ALA B 86 5.61 -5.47 -35.00
CA ALA B 86 6.59 -5.89 -34.00
C ALA B 86 5.91 -6.56 -32.80
N MET B 87 4.77 -6.03 -32.36
CA MET B 87 4.09 -6.60 -31.21
C MET B 87 3.48 -7.96 -31.55
N GLN B 88 2.95 -8.10 -32.77
CA GLN B 88 2.45 -9.42 -33.19
C GLN B 88 3.59 -10.40 -33.36
N THR B 89 4.76 -9.93 -33.80
CA THR B 89 5.93 -10.79 -33.89
C THR B 89 6.35 -11.29 -32.52
N MET B 90 6.36 -10.41 -31.53
CA MET B 90 6.66 -10.84 -30.17
C MET B 90 5.60 -11.80 -29.64
N LEU B 91 4.33 -11.53 -29.94
CA LEU B 91 3.24 -12.41 -29.54
C LEU B 91 3.43 -13.81 -30.09
N PHE B 92 3.76 -13.91 -31.38
CA PHE B 92 3.88 -15.21 -32.04
C PHE B 92 5.24 -15.87 -31.81
N THR B 93 6.24 -15.14 -31.34
CA THR B 93 7.58 -15.70 -31.16
C THR B 93 7.75 -16.35 -29.79
N MET B 94 7.30 -15.68 -28.73
CA MET B 94 7.40 -16.23 -27.38
C MET B 94 6.17 -17.05 -27.01
N LEU B 95 5.40 -17.50 -28.00
CA LEU B 95 4.30 -18.44 -27.79
C LEU B 95 4.66 -19.86 -28.21
N ARG B 96 5.83 -20.05 -28.84
CA ARG B 96 6.23 -21.38 -29.27
C ARG B 96 6.40 -22.31 -28.07
N LYS B 97 7.25 -21.92 -27.11
CA LYS B 97 7.53 -22.74 -25.94
C LYS B 97 6.40 -22.62 -24.92
N LEU B 98 5.21 -22.99 -25.35
CA LEU B 98 4.04 -22.98 -24.48
C LEU B 98 3.31 -24.31 -24.47
N ASP B 99 3.19 -24.98 -25.61
CA ASP B 99 2.34 -26.16 -25.74
C ASP B 99 3.19 -27.42 -25.74
N ASN B 100 2.98 -28.27 -24.75
CA ASN B 100 3.65 -29.57 -24.66
C ASN B 100 2.64 -30.63 -24.24
N ASP B 101 1.40 -30.50 -24.72
CA ASP B 101 0.29 -31.39 -24.38
C ASP B 101 0.03 -31.41 -22.87
N ALA B 102 0.32 -30.30 -22.20
CA ALA B 102 -0.01 -30.12 -20.80
C ALA B 102 -1.22 -29.25 -20.58
N LEU B 103 -1.36 -28.16 -21.36
CA LEU B 103 -2.57 -27.35 -21.28
C LEU B 103 -3.78 -28.13 -21.74
N ASN B 104 -3.65 -28.87 -22.84
CA ASN B 104 -4.76 -29.67 -23.36
C ASN B 104 -5.17 -30.78 -22.40
N ASN B 105 -4.34 -31.08 -21.40
CA ASN B 105 -4.71 -32.02 -20.35
C ASN B 105 -5.40 -31.32 -19.19
N ILE B 106 -4.90 -30.14 -18.81
CA ILE B 106 -5.40 -29.44 -17.63
C ILE B 106 -6.56 -28.52 -17.94
N ILE B 107 -6.92 -28.35 -19.20
CA ILE B 107 -8.01 -27.45 -19.59
C ILE B 107 -9.29 -28.22 -19.89
N ASN B 108 -9.19 -29.31 -20.62
CA ASN B 108 -10.37 -30.07 -21.04
C ASN B 108 -10.86 -31.03 -19.96
N ASN B 109 -10.20 -31.09 -18.80
CA ASN B 109 -10.61 -31.98 -17.73
C ASN B 109 -11.50 -31.29 -16.70
N ALA B 110 -11.89 -30.04 -16.94
CA ALA B 110 -12.75 -29.30 -16.04
C ALA B 110 -13.92 -28.71 -16.82
N ARG B 111 -14.90 -28.19 -16.08
CA ARG B 111 -16.06 -27.58 -16.70
C ARG B 111 -15.69 -26.19 -17.23
N ASP B 112 -16.34 -25.81 -18.33
CA ASP B 112 -16.21 -24.53 -19.01
C ASP B 112 -14.84 -24.31 -19.64
N GLY B 113 -13.90 -25.23 -19.46
CA GLY B 113 -12.56 -25.03 -19.97
C GLY B 113 -11.88 -23.80 -19.43
N CYS B 114 -12.19 -23.40 -18.20
CA CYS B 114 -11.65 -22.21 -17.59
C CYS B 114 -10.66 -22.59 -16.50
N VAL B 115 -9.45 -22.06 -16.60
CA VAL B 115 -8.35 -22.42 -15.70
C VAL B 115 -7.71 -21.16 -15.14
N PRO B 116 -7.40 -21.10 -13.84
CA PRO B 116 -6.70 -19.94 -13.31
C PRO B 116 -5.30 -19.82 -13.90
N LEU B 117 -4.81 -18.58 -13.98
CA LEU B 117 -3.51 -18.35 -14.56
C LEU B 117 -2.38 -18.78 -13.64
N ASN B 118 -2.56 -18.60 -12.32
CA ASN B 118 -1.51 -18.90 -11.37
C ASN B 118 -1.12 -20.38 -11.35
N ILE B 119 -1.92 -21.25 -11.96
CA ILE B 119 -1.59 -22.67 -12.04
C ILE B 119 -1.22 -23.10 -13.45
N ILE B 120 -1.20 -22.19 -14.41
CA ILE B 120 -0.80 -22.55 -15.76
C ILE B 120 0.69 -22.86 -15.78
N PRO B 121 1.59 -21.99 -15.29
CA PRO B 121 3.00 -22.37 -15.25
C PRO B 121 3.33 -23.31 -14.12
N LEU B 122 2.48 -23.40 -13.10
CA LEU B 122 2.74 -24.31 -11.99
C LEU B 122 2.54 -25.76 -12.38
N THR B 123 1.83 -26.03 -13.47
CA THR B 123 1.56 -27.40 -13.89
C THR B 123 2.00 -27.71 -15.31
N THR B 124 2.43 -26.70 -16.09
CA THR B 124 2.84 -26.95 -17.47
C THR B 124 4.26 -26.50 -17.79
N ALA B 125 4.84 -25.59 -17.01
CA ALA B 125 6.18 -25.11 -17.32
C ALA B 125 7.20 -26.21 -17.05
N ALA B 126 7.92 -26.61 -18.10
CA ALA B 126 8.94 -27.63 -17.95
C ALA B 126 10.14 -27.13 -17.16
N LYS B 127 10.57 -25.90 -17.44
CA LYS B 127 11.71 -25.32 -16.76
C LYS B 127 11.25 -24.53 -15.53
N LEU B 128 12.07 -24.56 -14.49
CA LEU B 128 11.78 -23.86 -13.25
C LEU B 128 13.06 -23.20 -12.76
N MET B 129 12.90 -22.13 -11.98
CA MET B 129 14.06 -21.49 -11.35
C MET B 129 13.70 -21.02 -9.96
N VAL B 130 14.49 -21.44 -8.98
CA VAL B 130 14.37 -20.99 -7.60
C VAL B 130 15.48 -20.01 -7.31
N VAL B 131 15.12 -18.87 -6.72
CA VAL B 131 16.07 -17.83 -6.36
C VAL B 131 16.25 -17.92 -4.85
N ILE B 132 17.35 -18.53 -4.42
CA ILE B 132 17.61 -18.79 -3.00
C ILE B 132 18.36 -17.61 -2.39
N PRO B 133 17.87 -17.01 -1.32
CA PRO B 133 18.61 -15.90 -0.70
C PRO B 133 19.89 -16.33 -0.01
N ASP B 134 19.86 -17.45 0.71
CA ASP B 134 21.04 -17.91 1.42
C ASP B 134 20.98 -19.42 1.62
N TYR B 135 22.13 -20.01 1.94
CA TYR B 135 22.24 -21.46 2.04
C TYR B 135 21.24 -22.05 3.04
N ASN B 136 20.89 -21.29 4.09
CA ASN B 136 19.94 -21.79 5.07
C ASN B 136 18.58 -22.08 4.44
N THR B 137 18.24 -21.38 3.37
CA THR B 137 17.04 -21.68 2.60
C THR B 137 17.35 -22.44 1.32
N TYR B 138 18.61 -22.74 1.05
CA TYR B 138 18.94 -23.67 -0.02
C TYR B 138 18.83 -25.11 0.45
N LYS B 139 19.30 -25.38 1.67
CA LYS B 139 19.22 -26.73 2.21
C LYS B 139 17.78 -27.13 2.51
N ASN B 140 16.91 -26.16 2.80
CA ASN B 140 15.54 -26.49 3.16
C ASN B 140 14.68 -26.84 1.95
N THR B 141 14.98 -26.27 0.78
CA THR B 141 14.16 -26.49 -0.41
C THR B 141 14.90 -27.26 -1.48
N CYS B 142 16.04 -26.77 -1.95
CA CYS B 142 16.79 -27.43 -3.01
C CYS B 142 17.93 -28.25 -2.45
N ASP B 143 17.57 -29.27 -1.67
CA ASP B 143 18.53 -30.16 -1.04
C ASP B 143 18.84 -31.30 -2.00
N GLY B 144 20.06 -31.32 -2.53
CA GLY B 144 20.47 -32.37 -3.45
C GLY B 144 20.14 -32.04 -4.90
N THR B 145 20.46 -33.00 -5.76
CA THR B 145 20.27 -32.83 -7.19
C THR B 145 18.82 -32.98 -7.63
N THR B 146 17.91 -33.36 -6.72
CA THR B 146 16.51 -33.50 -7.04
C THR B 146 15.68 -33.03 -5.86
N PHE B 147 14.70 -32.18 -6.13
CA PHE B 147 13.84 -31.64 -5.08
C PHE B 147 12.41 -31.58 -5.57
N THR B 148 11.46 -31.69 -4.64
CA THR B 148 10.04 -31.68 -4.96
C THR B 148 9.47 -30.28 -4.79
N TYR B 149 8.55 -29.91 -5.67
CA TYR B 149 7.84 -28.64 -5.58
C TYR B 149 6.63 -28.70 -6.50
N ALA B 150 5.50 -28.17 -6.01
CA ALA B 150 4.25 -28.16 -6.76
C ALA B 150 3.83 -29.57 -7.15
N SER B 151 3.99 -30.51 -6.22
CA SER B 151 3.63 -31.91 -6.42
C SER B 151 4.30 -32.49 -7.68
N ALA B 152 5.60 -32.23 -7.79
CA ALA B 152 6.39 -32.75 -8.90
C ALA B 152 7.84 -32.76 -8.49
N LEU B 153 8.65 -33.53 -9.21
CA LEU B 153 10.07 -33.63 -8.96
C LEU B 153 10.84 -32.83 -10.00
N TRP B 154 11.87 -32.12 -9.55
CA TRP B 154 12.73 -31.32 -10.41
C TRP B 154 14.16 -31.70 -10.16
N GLU B 155 14.90 -32.02 -11.22
CA GLU B 155 16.32 -32.31 -11.14
C GLU B 155 17.10 -31.05 -11.50
N ILE B 156 17.95 -30.61 -10.58
CA ILE B 156 18.66 -29.35 -10.76
C ILE B 156 19.55 -29.45 -11.98
N GLN B 157 19.30 -28.60 -12.98
CA GLN B 157 20.05 -28.64 -14.23
C GLN B 157 21.22 -27.66 -14.24
N GLN B 158 21.08 -26.53 -13.56
CA GLN B 158 22.14 -25.54 -13.53
C GLN B 158 21.96 -24.66 -12.30
N VAL B 159 23.04 -23.97 -11.92
CA VAL B 159 22.99 -22.99 -10.84
C VAL B 159 23.82 -21.80 -11.27
N VAL B 160 23.31 -20.59 -10.98
CA VAL B 160 23.97 -19.34 -11.33
C VAL B 160 24.03 -18.47 -10.09
N ASP B 161 25.09 -17.67 -9.97
CA ASP B 161 25.38 -16.88 -8.79
C ASP B 161 25.14 -15.39 -9.01
N ALA B 162 24.05 -15.05 -9.70
CA ALA B 162 23.62 -13.66 -9.89
C ALA B 162 24.65 -12.85 -10.68
N ASP B 163 25.57 -13.51 -11.37
CA ASP B 163 26.54 -12.82 -12.19
C ASP B 163 26.78 -13.56 -13.50
N SER B 164 25.86 -14.44 -13.90
CA SER B 164 26.00 -15.27 -15.09
C SER B 164 27.23 -16.16 -15.02
N LYS B 165 27.64 -16.54 -13.81
CA LYS B 165 28.75 -17.45 -13.60
C LYS B 165 28.22 -18.77 -13.06
N ILE B 166 28.57 -19.87 -13.72
CA ILE B 166 28.05 -21.17 -13.35
C ILE B 166 28.64 -21.59 -12.01
N VAL B 167 27.79 -22.08 -11.12
CA VAL B 167 28.20 -22.59 -9.82
C VAL B 167 27.94 -24.08 -9.80
N GLN B 168 28.99 -24.87 -9.62
CA GLN B 168 28.83 -26.32 -9.54
C GLN B 168 28.15 -26.70 -8.22
N LEU B 169 27.44 -27.83 -8.26
CA LEU B 169 26.64 -28.23 -7.11
C LEU B 169 27.49 -28.51 -5.88
N SER B 170 28.74 -28.94 -6.09
CA SER B 170 29.62 -29.21 -4.96
C SER B 170 30.12 -27.93 -4.31
N GLU B 171 30.04 -26.80 -4.99
CA GLU B 171 30.51 -25.54 -4.43
C GLU B 171 29.59 -25.00 -3.34
N ILE B 172 28.31 -25.39 -3.36
CA ILE B 172 27.37 -24.94 -2.35
C ILE B 172 27.58 -25.75 -1.08
N SER B 173 27.87 -25.06 0.02
CA SER B 173 28.10 -25.74 1.28
C SER B 173 27.96 -24.72 2.42
N MET B 174 27.79 -25.25 3.63
CA MET B 174 27.71 -24.39 4.81
C MET B 174 29.05 -23.72 5.08
N ASP B 175 30.14 -24.43 4.85
CA ASP B 175 31.47 -23.84 5.06
C ASP B 175 31.77 -22.78 4.00
N ASN B 176 31.55 -23.12 2.73
CA ASN B 176 31.78 -22.18 1.64
C ASN B 176 30.50 -21.39 1.33
N SER B 177 29.87 -20.87 2.36
CA SER B 177 28.67 -20.04 2.19
C SER B 177 29.05 -18.61 1.82
N PRO B 178 29.91 -17.89 2.63
CA PRO B 178 30.23 -16.48 2.32
C PRO B 178 31.33 -16.33 1.28
N ASN B 179 31.22 -17.08 0.18
CA ASN B 179 32.16 -16.94 -0.93
C ASN B 179 31.43 -16.90 -2.26
N LEU B 180 30.14 -16.59 -2.25
CA LEU B 180 29.34 -16.50 -3.47
C LEU B 180 28.28 -15.44 -3.28
N ALA B 181 27.58 -15.12 -4.35
CA ALA B 181 26.47 -14.19 -4.26
C ALA B 181 25.31 -14.80 -3.47
N TRP B 182 24.53 -13.93 -2.83
CA TRP B 182 23.43 -14.44 -2.00
C TRP B 182 22.34 -15.07 -2.85
N PRO B 183 21.71 -14.37 -3.81
CA PRO B 183 20.62 -14.98 -4.58
C PRO B 183 21.17 -15.96 -5.60
N LEU B 184 21.01 -17.24 -5.33
CA LEU B 184 21.43 -18.31 -6.23
C LEU B 184 20.23 -18.74 -7.08
N ILE B 185 20.38 -18.62 -8.39
CA ILE B 185 19.31 -18.96 -9.33
C ILE B 185 19.57 -20.40 -9.77
N VAL B 186 18.80 -21.34 -9.23
CA VAL B 186 18.89 -22.74 -9.63
C VAL B 186 17.82 -23.01 -10.68
N THR B 187 18.25 -23.54 -11.82
CA THR B 187 17.38 -23.86 -12.94
C THR B 187 17.24 -25.37 -12.99
N ALA B 188 16.00 -25.85 -12.94
CA ALA B 188 15.69 -27.26 -12.91
C ALA B 188 14.70 -27.60 -14.01
N LEU B 189 14.63 -28.88 -14.34
CA LEU B 189 13.69 -29.39 -15.32
C LEU B 189 12.72 -30.36 -14.66
N ARG B 190 11.51 -30.44 -15.20
CA ARG B 190 10.51 -31.32 -14.64
C ARG B 190 10.86 -32.77 -14.91
N ALA B 191 10.88 -33.59 -13.86
CA ALA B 191 11.21 -35.00 -14.00
C ALA B 191 10.09 -35.75 -14.70
N LYS C 2 34.09 18.62 7.91
CA LYS C 2 34.65 17.36 8.36
C LYS C 2 33.78 16.18 7.90
N MET C 3 32.56 16.13 8.43
CA MET C 3 31.63 15.07 8.03
C MET C 3 31.21 15.21 6.58
N SER C 4 30.88 16.44 6.16
CA SER C 4 30.44 16.65 4.79
C SER C 4 31.54 16.29 3.79
N ASP C 5 32.80 16.53 4.15
CA ASP C 5 33.90 16.21 3.24
C ASP C 5 34.01 14.72 3.01
N VAL C 6 33.98 13.92 4.08
CA VAL C 6 34.10 12.48 3.92
C VAL C 6 32.87 11.91 3.23
N LYS C 7 31.68 12.44 3.55
CA LYS C 7 30.48 11.99 2.86
C LYS C 7 30.56 12.26 1.37
N CYS C 8 31.01 13.46 0.99
CA CYS C 8 31.04 13.83 -0.42
C CYS C 8 32.11 13.03 -1.17
N THR C 9 33.28 12.83 -0.55
CA THR C 9 34.30 12.05 -1.23
C THR C 9 33.90 10.59 -1.34
N SER C 10 33.12 10.07 -0.38
CA SER C 10 32.63 8.70 -0.53
C SER C 10 31.59 8.61 -1.63
N VAL C 11 30.76 9.65 -1.78
CA VAL C 11 29.81 9.67 -2.89
C VAL C 11 30.54 9.62 -4.22
N VAL C 12 31.54 10.50 -4.41
CA VAL C 12 32.25 10.49 -5.68
C VAL C 12 33.09 9.22 -5.83
N LEU C 13 33.50 8.62 -4.70
CA LEU C 13 34.27 7.39 -4.76
C LEU C 13 33.42 6.24 -5.26
N LEU C 14 32.20 6.10 -4.74
CA LEU C 14 31.34 5.05 -5.27
C LEU C 14 30.90 5.38 -6.69
N SER C 15 30.86 6.66 -7.05
CA SER C 15 30.59 7.01 -8.43
C SER C 15 31.67 6.46 -9.36
N VAL C 16 32.95 6.72 -9.03
CA VAL C 16 34.02 6.20 -9.88
C VAL C 16 34.12 4.69 -9.78
N LEU C 17 33.71 4.11 -8.65
CA LEU C 17 33.67 2.66 -8.54
C LEU C 17 32.65 2.05 -9.49
N GLN C 18 31.43 2.57 -9.47
CA GLN C 18 30.41 2.13 -10.43
C GLN C 18 30.90 2.33 -11.86
N GLN C 19 31.63 3.42 -12.10
CA GLN C 19 32.23 3.59 -13.42
C GLN C 19 33.31 2.56 -13.70
N LEU C 20 33.90 1.97 -12.66
CA LEU C 20 34.90 0.92 -12.81
C LEU C 20 34.29 -0.48 -12.98
N ARG C 21 33.01 -0.56 -13.36
CA ARG C 21 32.32 -1.82 -13.56
C ARG C 21 32.30 -2.69 -12.30
N VAL C 22 32.27 -2.04 -11.14
CA VAL C 22 32.20 -2.79 -9.89
C VAL C 22 30.84 -3.47 -9.74
N GLU C 23 29.78 -2.89 -10.33
CA GLU C 23 28.47 -3.49 -10.27
C GLU C 23 28.43 -4.86 -10.96
N SER C 24 29.43 -5.19 -11.76
CA SER C 24 29.50 -6.52 -12.37
C SER C 24 29.84 -7.60 -11.34
N SER C 25 30.32 -7.21 -10.16
CA SER C 25 30.62 -8.15 -9.07
C SER C 25 29.72 -7.79 -7.90
N SER C 26 28.61 -8.52 -7.74
CA SER C 26 27.63 -8.17 -6.72
C SER C 26 28.18 -8.40 -5.31
N LYS C 27 29.06 -9.39 -5.14
CA LYS C 27 29.62 -9.65 -3.82
C LYS C 27 30.36 -8.45 -3.27
N LEU C 28 31.04 -7.70 -4.15
CA LEU C 28 31.79 -6.52 -3.75
C LEU C 28 30.94 -5.26 -3.81
N TRP C 29 30.08 -5.17 -4.81
CA TRP C 29 29.20 -3.99 -4.94
C TRP C 29 28.28 -3.88 -3.74
N ALA C 30 27.83 -5.01 -3.20
CA ALA C 30 26.98 -4.98 -2.02
C ALA C 30 27.72 -4.39 -0.83
N GLN C 31 28.99 -4.78 -0.64
CA GLN C 31 29.77 -4.23 0.47
C GLN C 31 30.06 -2.75 0.27
N CYS C 32 30.36 -2.35 -0.97
CA CYS C 32 30.56 -0.92 -1.25
C CYS C 32 29.31 -0.13 -0.91
N VAL C 33 28.15 -0.61 -1.34
CA VAL C 33 26.88 0.06 -1.09
C VAL C 33 26.61 0.12 0.41
N GLN C 34 26.93 -0.96 1.13
CA GLN C 34 26.70 -0.98 2.56
C GLN C 34 27.56 0.05 3.27
N LEU C 35 28.84 0.15 2.91
CA LEU C 35 29.70 1.16 3.50
C LEU C 35 29.20 2.57 3.18
N HIS C 36 28.83 2.80 1.92
CA HIS C 36 28.27 4.08 1.50
C HIS C 36 27.08 4.49 2.37
N ASN C 37 26.07 3.63 2.42
CA ASN C 37 24.86 3.96 3.16
C ASN C 37 25.08 3.96 4.68
N ASP C 38 26.14 3.31 5.16
CA ASP C 38 26.41 3.33 6.59
C ASP C 38 27.13 4.62 7.00
N ILE C 39 27.98 5.16 6.13
CA ILE C 39 28.64 6.41 6.47
C ILE C 39 27.78 7.63 6.14
N LEU C 40 26.85 7.50 5.19
CA LEU C 40 25.96 8.63 4.91
C LEU C 40 25.01 8.91 6.06
N LEU C 41 24.79 7.95 6.94
CA LEU C 41 24.01 8.16 8.15
C LEU C 41 24.88 8.27 9.40
N ALA C 42 26.19 8.36 9.23
CA ALA C 42 27.09 8.37 10.38
C ALA C 42 26.88 9.62 11.22
N LYS C 43 26.98 9.46 12.54
CA LYS C 43 26.93 10.58 13.47
C LYS C 43 28.25 10.81 14.19
N ASP C 44 29.22 9.91 14.05
CA ASP C 44 30.53 10.06 14.66
C ASP C 44 31.61 9.95 13.58
N THR C 45 32.64 10.78 13.70
CA THR C 45 33.70 10.78 12.69
C THR C 45 34.58 9.55 12.78
N THR C 46 34.65 8.92 13.97
CA THR C 46 35.48 7.74 14.13
C THR C 46 35.01 6.60 13.22
N GLU C 47 33.74 6.23 13.34
CA GLU C 47 33.21 5.16 12.49
C GLU C 47 33.18 5.57 11.02
N ALA C 48 32.92 6.86 10.77
CA ALA C 48 32.93 7.36 9.39
C ALA C 48 34.28 7.11 8.73
N PHE C 49 35.36 7.46 9.42
CA PHE C 49 36.69 7.20 8.89
C PHE C 49 36.99 5.71 8.84
N GLU C 50 36.55 4.96 9.85
CA GLU C 50 36.83 3.52 9.89
C GLU C 50 36.20 2.80 8.71
N LYS C 51 35.08 3.32 8.20
CA LYS C 51 34.46 2.72 7.02
C LYS C 51 34.94 3.35 5.72
N MET C 52 35.37 4.62 5.77
CA MET C 52 35.93 5.26 4.58
C MET C 52 37.25 4.60 4.20
N VAL C 53 38.05 4.21 5.18
CA VAL C 53 39.30 3.52 4.87
C VAL C 53 39.01 2.16 4.23
N SER C 54 37.94 1.50 4.65
CA SER C 54 37.57 0.23 4.03
C SER C 54 37.10 0.44 2.59
N LEU C 55 36.31 1.48 2.36
CA LEU C 55 35.88 1.78 1.00
C LEU C 55 37.08 2.11 0.12
N LEU C 56 38.05 2.84 0.67
CA LEU C 56 39.25 3.17 -0.09
C LEU C 56 40.06 1.92 -0.41
N SER C 57 40.21 1.02 0.57
CA SER C 57 40.92 -0.22 0.32
C SER C 57 40.22 -1.04 -0.77
N VAL C 58 38.89 -1.03 -0.78
CA VAL C 58 38.16 -1.70 -1.84
C VAL C 58 38.44 -1.02 -3.18
N LEU C 59 38.55 0.31 -3.18
CA LEU C 59 38.85 1.02 -4.40
C LEU C 59 40.22 0.62 -4.97
N LEU C 60 41.26 0.71 -4.14
CA LEU C 60 42.62 0.46 -4.60
C LEU C 60 42.93 -1.02 -4.77
N SER C 61 41.98 -1.91 -4.47
CA SER C 61 42.22 -3.33 -4.71
C SER C 61 42.46 -3.62 -6.19
N MET C 62 41.87 -2.83 -7.08
CA MET C 62 42.11 -2.91 -8.50
C MET C 62 42.99 -1.74 -8.94
N GLN C 63 43.60 -1.89 -10.11
CA GLN C 63 44.54 -0.89 -10.63
C GLN C 63 43.77 0.25 -11.33
N GLY C 64 42.96 0.95 -10.55
CA GLY C 64 42.17 2.04 -11.07
C GLY C 64 42.29 3.31 -10.24
N THR D 84 36.06 10.02 -17.44
CA THR D 84 36.34 9.15 -16.29
C THR D 84 37.54 9.67 -15.49
N SER D 85 38.47 10.31 -16.20
CA SER D 85 39.67 10.81 -15.53
C SER D 85 39.35 11.97 -14.60
N ALA D 86 38.38 12.81 -14.96
CA ALA D 86 38.01 13.93 -14.11
C ALA D 86 37.53 13.46 -12.75
N MET D 87 36.76 12.36 -12.72
CA MET D 87 36.27 11.84 -11.45
C MET D 87 37.41 11.32 -10.59
N GLN D 88 38.37 10.62 -11.20
CA GLN D 88 39.52 10.14 -10.44
C GLN D 88 40.34 11.30 -9.90
N THR D 89 40.53 12.34 -10.70
CA THR D 89 41.30 13.50 -10.25
C THR D 89 40.60 14.22 -9.11
N MET D 90 39.28 14.43 -9.22
CA MET D 90 38.58 15.12 -8.14
C MET D 90 38.53 14.28 -6.88
N LEU D 91 38.42 12.95 -7.03
CA LEU D 91 38.51 12.08 -5.86
C LEU D 91 39.86 12.20 -5.19
N PHE D 92 40.94 12.18 -5.98
CA PHE D 92 42.29 12.30 -5.42
C PHE D 92 42.48 13.64 -4.72
N THR D 93 41.99 14.72 -5.34
CA THR D 93 42.15 16.04 -4.72
C THR D 93 41.35 16.15 -3.44
N MET D 94 40.14 15.58 -3.40
CA MET D 94 39.35 15.62 -2.18
C MET D 94 39.99 14.77 -1.08
N LEU D 95 40.59 13.64 -1.47
CA LEU D 95 41.28 12.81 -0.48
C LEU D 95 42.51 13.53 0.08
N ARG D 96 43.26 14.22 -0.78
CA ARG D 96 44.40 14.98 -0.30
C ARG D 96 43.96 16.15 0.56
N LYS D 97 42.82 16.75 0.25
CA LYS D 97 42.28 17.83 1.08
C LYS D 97 41.80 17.31 2.42
N LEU D 98 41.36 16.05 2.48
CA LEU D 98 40.98 15.46 3.76
C LEU D 98 42.15 15.41 4.71
N ASP D 99 43.30 14.92 4.23
CA ASP D 99 44.56 14.92 4.99
C ASP D 99 44.40 14.18 6.32
N ASN D 100 43.79 13.00 6.27
CA ASN D 100 43.66 12.16 7.45
C ASN D 100 44.84 11.21 7.54
N ASP D 101 45.22 10.89 8.79
CA ASP D 101 46.41 10.07 9.01
C ASP D 101 46.24 8.68 8.41
N ALA D 102 45.14 8.00 8.73
CA ALA D 102 44.89 6.67 8.16
C ALA D 102 44.74 6.74 6.65
N LEU D 103 44.02 7.76 6.15
CA LEU D 103 43.89 7.92 4.71
C LEU D 103 45.23 8.23 4.06
N ASN D 104 46.09 8.98 4.75
CA ASN D 104 47.41 9.26 4.21
C ASN D 104 48.26 7.98 4.13
N ASN D 105 48.23 7.16 5.18
CA ASN D 105 48.95 5.89 5.14
C ASN D 105 48.40 5.00 4.02
N ILE D 106 47.08 5.00 3.83
CA ILE D 106 46.48 4.20 2.77
C ILE D 106 46.93 4.68 1.41
N ILE D 107 46.97 6.00 1.20
CA ILE D 107 47.34 6.54 -0.11
C ILE D 107 48.83 6.41 -0.37
N ASN D 108 49.67 6.34 0.68
CA ASN D 108 51.08 6.07 0.45
C ASN D 108 51.34 4.59 0.22
N ASN D 109 50.55 3.71 0.84
CA ASN D 109 50.69 2.28 0.56
C ASN D 109 50.17 1.93 -0.82
N ALA D 110 49.16 2.65 -1.31
CA ALA D 110 48.64 2.39 -2.64
C ALA D 110 49.59 2.88 -3.72
N ARG D 111 50.18 4.05 -3.51
CA ARG D 111 51.11 4.63 -4.49
C ARG D 111 52.48 3.98 -4.40
#